data_9VK0
#
_entry.id   9VK0
#
_cell.length_a   1.00
_cell.length_b   1.00
_cell.length_c   1.00
_cell.angle_alpha   90.00
_cell.angle_beta   90.00
_cell.angle_gamma   90.00
#
_symmetry.space_group_name_H-M   'P 1'
#
loop_
_entity.id
_entity.type
_entity.pdbx_description
1 polymer 'Diacylglycerol O-acyltransferase 1'
2 non-polymer 'OLEIC ACID'
3 non-polymer '2,3-bis[[(Z)-octadec-9-enoyl]oxy]propyl (Z)-octadec-9-enoate'
#
_entity_poly.entity_id   1
_entity_poly.type   'polypeptide(L)'
_entity_poly.pdbx_seq_one_letter_code
;MAILDSAGVTTVTENGGGEFVDLDRLRRRKSRSDSSNGLLLSGSDNNSPSDDVGAPADVRDRIDSVVNDDAQGTANLAGD
NNGGGDNNGGGRGGGEGRGNADATFTYRPSVPAHRRARESPLSSDAIFKQSHAGLFNLCVVVLIAVNSRLIIENLMKYGW
LIRTDFWFSSRSLRDWPLFMCCISLSIFPLAAFTVEKLVLQKYISEPVVIFLHIIITMTEVLYPVYVTLRCDSAFLSGVT
LMLLTCIVWLKLVSYAHTSYDIRSLANAADKANPEVSYYVSLKSLAYFMVAPTLCYQPSYPRSACIRKGWVARQFAKLVI
FTGFMGFIIEQYINPIVRNSKHPLKGDLLYAIERVLKLSVPNLYVWLCMFYCFFHLWLNILAELLCFGDREFYKDWWNAK
SVGDYWRMWNMPVHKWMVRHIYFPCLRSKIPKTLAIIIAFLVSAVFHELCIAVPCRLFKLWAFLGIMFQVPLVFITNYLQ
ERFGSTVGNMIFWFIFCIFGQPMCVLLYYHDLMNRKGSMSGPHHHHHH
;
_entity_poly.pdbx_strand_id   A,B
#
# COMPACT_ATOMS: atom_id res chain seq x y z
N SER A 131 7.36 -6.15 3.73
CA SER A 131 7.26 -7.02 4.90
C SER A 131 6.31 -6.42 5.94
N HIS A 132 6.47 -5.13 6.20
CA HIS A 132 5.64 -4.44 7.19
C HIS A 132 4.34 -3.99 6.55
N ALA A 133 3.57 -3.16 7.28
CA ALA A 133 2.33 -2.62 6.74
C ALA A 133 2.62 -1.58 5.68
N GLY A 134 3.29 -0.50 6.06
CA GLY A 134 3.65 0.51 5.09
C GLY A 134 2.54 1.52 4.86
N LEU A 135 1.80 1.33 3.77
CA LEU A 135 0.79 2.28 3.36
C LEU A 135 -0.46 2.27 4.23
N PHE A 136 -0.68 1.20 5.00
CA PHE A 136 -1.84 1.16 5.89
C PHE A 136 -1.70 2.17 7.03
N ASN A 137 -0.50 2.30 7.60
CA ASN A 137 -0.25 3.32 8.60
C ASN A 137 -0.37 4.71 8.02
N LEU A 138 0.01 4.88 6.75
CA LEU A 138 -0.19 6.14 6.03
C LEU A 138 -1.67 6.48 5.93
N CYS A 139 -2.49 5.49 5.57
CA CYS A 139 -3.93 5.73 5.45
C CYS A 139 -4.56 6.07 6.80
N VAL A 140 -4.12 5.37 7.86
CA VAL A 140 -4.63 5.63 9.20
C VAL A 140 -4.28 7.05 9.66
N VAL A 141 -3.01 7.44 9.48
CA VAL A 141 -2.60 8.76 9.95
C VAL A 141 -3.16 9.86 9.05
N VAL A 142 -3.45 9.57 7.78
CA VAL A 142 -3.97 10.63 6.93
C VAL A 142 -5.46 10.81 7.15
N LEU A 143 -6.20 9.75 7.54
CA LEU A 143 -7.59 9.95 7.91
C LEU A 143 -7.73 10.43 9.34
N ILE A 144 -6.69 10.30 10.16
CA ILE A 144 -6.63 11.05 11.40
C ILE A 144 -6.42 12.54 11.11
N ALA A 145 -5.52 12.84 10.17
CA ALA A 145 -5.14 14.22 9.90
C ALA A 145 -6.20 15.00 9.13
N VAL A 146 -7.07 14.32 8.37
CA VAL A 146 -8.09 15.03 7.58
C VAL A 146 -9.12 15.67 8.52
N ASN A 147 -9.58 14.93 9.51
CA ASN A 147 -10.63 15.40 10.40
C ASN A 147 -10.06 16.07 11.64
N SER A 148 -10.89 16.88 12.30
CA SER A 148 -10.45 17.77 13.35
C SER A 148 -10.33 17.09 14.72
N ARG A 149 -10.79 15.85 14.87
CA ARG A 149 -10.71 15.16 16.16
C ARG A 149 -9.32 14.55 16.30
N LEU A 150 -8.36 15.41 16.66
CA LEU A 150 -6.99 14.99 16.87
C LEU A 150 -6.76 14.37 18.23
N ILE A 151 -7.75 14.37 19.11
CA ILE A 151 -7.66 13.78 20.43
C ILE A 151 -8.85 12.85 20.63
N ILE A 152 -8.72 11.96 21.62
CA ILE A 152 -9.76 10.96 21.87
C ILE A 152 -11.02 11.57 22.46
N GLU A 153 -10.93 12.74 23.10
CA GLU A 153 -12.10 13.43 23.61
C GLU A 153 -12.68 14.28 22.49
N ASN A 154 -13.65 13.71 21.77
CA ASN A 154 -14.24 14.43 20.64
C ASN A 154 -15.17 15.52 21.13
N LEU A 155 -16.26 15.15 21.80
CA LEU A 155 -17.18 16.12 22.38
C LEU A 155 -16.97 16.27 23.89
N MET A 156 -17.17 15.18 24.64
CA MET A 156 -17.02 15.15 26.09
C MET A 156 -17.04 13.69 26.56
N LYS A 157 -16.14 13.38 27.50
CA LYS A 157 -16.16 12.15 28.30
C LYS A 157 -16.06 10.88 27.46
N TYR A 158 -15.38 10.93 26.32
CA TYR A 158 -15.20 9.77 25.47
C TYR A 158 -13.94 9.03 25.91
N GLY A 159 -14.11 7.83 26.45
CA GLY A 159 -12.95 7.05 26.89
C GLY A 159 -12.08 6.60 25.74
N TRP A 160 -12.70 6.12 24.66
CA TRP A 160 -11.99 5.81 23.43
C TRP A 160 -12.05 7.02 22.50
N LEU A 161 -11.57 6.84 21.28
CA LEU A 161 -11.65 7.88 20.27
C LEU A 161 -13.06 8.00 19.67
N ILE A 162 -13.93 7.04 19.95
CA ILE A 162 -15.36 7.14 19.67
C ILE A 162 -16.08 6.52 20.86
N ARG A 163 -17.31 6.99 21.10
CA ARG A 163 -18.19 6.33 22.06
C ARG A 163 -18.56 4.94 21.57
N THR A 164 -18.97 4.09 22.51
CA THR A 164 -19.24 2.69 22.24
C THR A 164 -20.54 2.58 21.42
N ASP A 165 -20.39 2.37 20.12
CA ASP A 165 -21.53 2.28 19.21
C ASP A 165 -21.67 0.92 18.55
N PHE A 166 -20.71 0.01 18.72
CA PHE A 166 -20.76 -1.27 18.02
C PHE A 166 -21.79 -2.20 18.66
N TRP A 167 -21.63 -2.49 19.95
CA TRP A 167 -22.61 -3.29 20.68
C TRP A 167 -23.38 -2.46 21.69
N PHE A 168 -22.68 -1.78 22.59
CA PHE A 168 -23.20 -0.93 23.68
C PHE A 168 -24.12 -1.77 24.58
N SER A 169 -25.08 -1.10 25.23
CA SER A 169 -26.07 -1.66 26.15
C SER A 169 -25.34 -2.38 27.30
N SER A 170 -25.91 -3.47 27.79
CA SER A 170 -25.29 -4.28 28.84
C SER A 170 -25.75 -5.72 28.63
N ARG A 171 -25.59 -6.55 29.66
CA ARG A 171 -26.07 -7.94 29.63
C ARG A 171 -27.58 -7.92 29.82
N SER A 172 -28.28 -7.63 28.73
CA SER A 172 -29.73 -7.50 28.72
C SER A 172 -30.34 -8.58 27.82
N LEU A 173 -31.67 -8.61 27.79
CA LEU A 173 -32.40 -9.64 27.04
C LEU A 173 -32.45 -9.37 25.55
N ARG A 174 -31.95 -8.23 25.08
CA ARG A 174 -31.94 -7.95 23.65
C ARG A 174 -30.92 -8.82 22.92
N ASP A 175 -29.72 -8.92 23.49
CA ASP A 175 -28.63 -9.71 22.89
C ASP A 175 -28.37 -11.00 23.66
N TRP A 176 -29.23 -11.35 24.61
CA TRP A 176 -29.03 -12.57 25.41
C TRP A 176 -29.11 -13.87 24.60
N PRO A 177 -30.15 -14.13 23.77
CA PRO A 177 -30.15 -15.43 23.06
C PRO A 177 -29.17 -15.50 21.91
N LEU A 178 -28.67 -14.37 21.42
CA LEU A 178 -27.76 -14.40 20.28
C LEU A 178 -26.37 -14.90 20.67
N PHE A 179 -25.84 -14.41 21.79
CA PHE A 179 -24.53 -14.87 22.23
C PHE A 179 -24.60 -16.19 22.98
N MET A 180 -25.78 -16.59 23.45
CA MET A 180 -25.95 -17.92 24.03
C MET A 180 -26.16 -18.99 22.98
N CYS A 181 -26.46 -18.59 21.74
CA CYS A 181 -26.61 -19.54 20.64
C CYS A 181 -25.26 -20.04 20.13
N CYS A 182 -24.23 -19.19 20.18
CA CYS A 182 -22.89 -19.57 19.73
C CYS A 182 -22.32 -20.71 20.56
N ILE A 183 -22.58 -20.68 21.88
CA ILE A 183 -22.21 -21.78 22.76
C ILE A 183 -22.94 -23.06 22.33
N SER A 184 -24.19 -22.91 21.88
CA SER A 184 -24.94 -24.05 21.35
C SER A 184 -24.31 -24.62 20.09
N LEU A 185 -23.54 -23.80 19.36
CA LEU A 185 -22.81 -24.29 18.20
C LEU A 185 -21.68 -25.23 18.57
N SER A 186 -21.34 -25.37 19.85
CA SER A 186 -20.41 -26.40 20.27
C SER A 186 -21.03 -27.80 20.21
N ILE A 187 -22.36 -27.92 20.24
CA ILE A 187 -22.94 -29.26 20.37
C ILE A 187 -22.96 -30.02 19.06
N PHE A 188 -22.77 -29.33 17.92
CA PHE A 188 -22.78 -29.96 16.61
C PHE A 188 -21.46 -30.63 16.23
N PRO A 189 -20.27 -30.10 16.58
CA PRO A 189 -19.09 -30.99 16.59
C PRO A 189 -19.25 -32.17 17.53
N LEU A 190 -19.86 -31.94 18.69
CA LEU A 190 -20.06 -33.00 19.68
C LEU A 190 -21.00 -34.07 19.16
N ALA A 191 -21.90 -33.72 18.24
CA ALA A 191 -22.67 -34.74 17.55
C ALA A 191 -21.80 -35.51 16.56
N ALA A 192 -20.97 -34.78 15.79
CA ALA A 192 -20.29 -35.37 14.64
C ALA A 192 -19.21 -36.36 15.06
N PHE A 193 -18.52 -36.07 16.16
CA PHE A 193 -17.59 -37.04 16.74
C PHE A 193 -18.33 -38.31 17.15
N THR A 194 -19.54 -38.16 17.70
CA THR A 194 -20.36 -39.32 18.02
C THR A 194 -21.03 -39.95 16.80
N VAL A 195 -20.66 -39.56 15.58
CA VAL A 195 -20.98 -40.33 14.39
C VAL A 195 -19.74 -41.13 14.01
N GLU A 196 -18.56 -40.56 14.29
CA GLU A 196 -17.29 -41.20 13.94
C GLU A 196 -16.65 -41.95 15.10
N LYS A 197 -16.79 -41.48 16.35
CA LYS A 197 -16.32 -42.29 17.47
C LYS A 197 -17.22 -43.48 17.73
N LEU A 198 -18.47 -43.44 17.28
CA LEU A 198 -19.24 -44.65 17.09
C LEU A 198 -18.62 -45.41 15.94
N VAL A 199 -18.07 -46.60 16.21
CA VAL A 199 -17.37 -47.34 15.17
C VAL A 199 -18.38 -47.85 14.14
N LEU A 200 -17.87 -48.10 12.93
CA LEU A 200 -18.75 -48.27 11.79
C LEU A 200 -19.40 -49.65 11.74
N GLN A 201 -19.00 -50.57 12.61
CA GLN A 201 -19.68 -51.82 12.81
C GLN A 201 -20.67 -51.76 13.98
N LYS A 202 -20.90 -50.58 14.55
CA LYS A 202 -21.75 -50.41 15.72
C LYS A 202 -22.96 -49.57 15.32
N TYR A 203 -24.00 -50.24 14.81
CA TYR A 203 -25.35 -49.73 14.61
C TYR A 203 -25.45 -48.61 13.58
N ILE A 204 -24.41 -48.38 12.78
CA ILE A 204 -24.44 -47.36 11.73
C ILE A 204 -23.92 -47.96 10.44
N SER A 205 -24.50 -47.54 9.32
CA SER A 205 -24.12 -48.00 8.01
C SER A 205 -23.61 -46.83 7.16
N GLU A 206 -23.38 -47.10 5.88
CA GLU A 206 -22.69 -46.13 5.03
C GLU A 206 -23.55 -44.95 4.57
N PRO A 207 -24.83 -45.08 4.17
CA PRO A 207 -25.61 -43.84 3.95
C PRO A 207 -26.07 -43.17 5.23
N VAL A 208 -26.14 -43.91 6.35
CA VAL A 208 -26.65 -43.35 7.59
C VAL A 208 -25.72 -42.28 8.14
N VAL A 209 -24.41 -42.52 8.06
CA VAL A 209 -23.44 -41.56 8.59
C VAL A 209 -23.44 -40.27 7.76
N ILE A 210 -23.62 -40.38 6.44
CA ILE A 210 -23.71 -39.20 5.59
C ILE A 210 -25.01 -38.45 5.86
N PHE A 211 -26.10 -39.18 6.11
CA PHE A 211 -27.37 -38.54 6.43
C PHE A 211 -27.32 -37.81 7.77
N LEU A 212 -26.65 -38.40 8.76
CA LEU A 212 -26.47 -37.72 10.04
C LEU A 212 -25.59 -36.49 9.88
N HIS A 213 -24.56 -36.56 9.03
CA HIS A 213 -23.71 -35.39 8.78
C HIS A 213 -24.49 -34.26 8.13
N ILE A 214 -25.33 -34.58 7.14
CA ILE A 214 -26.15 -33.57 6.47
C ILE A 214 -27.16 -32.96 7.43
N ILE A 215 -27.76 -33.79 8.29
CA ILE A 215 -28.77 -33.30 9.23
C ILE A 215 -28.13 -32.39 10.30
N ILE A 216 -26.99 -32.80 10.86
CA ILE A 216 -26.35 -31.99 11.89
C ILE A 216 -25.62 -30.78 11.34
N THR A 217 -25.44 -30.69 10.01
CA THR A 217 -25.06 -29.40 9.45
C THR A 217 -26.25 -28.51 9.14
N MET A 218 -27.37 -29.11 8.73
CA MET A 218 -28.53 -28.30 8.34
C MET A 218 -29.21 -27.68 9.56
N THR A 219 -29.31 -28.40 10.68
CA THR A 219 -29.87 -27.77 11.86
C THR A 219 -28.90 -26.75 12.45
N GLU A 220 -27.60 -26.96 12.24
CA GLU A 220 -26.58 -26.01 12.67
C GLU A 220 -26.71 -24.69 11.91
N VAL A 221 -27.07 -24.73 10.63
CA VAL A 221 -27.36 -23.49 9.92
C VAL A 221 -28.70 -22.92 10.37
N LEU A 222 -29.74 -23.75 10.42
CA LEU A 222 -31.11 -23.24 10.54
C LEU A 222 -31.47 -22.76 11.95
N TYR A 223 -30.75 -23.16 12.99
CA TYR A 223 -31.14 -22.67 14.31
C TYR A 223 -30.73 -21.20 14.59
N PRO A 224 -29.50 -20.74 14.31
CA PRO A 224 -29.22 -19.32 14.56
C PRO A 224 -29.94 -18.36 13.62
N VAL A 225 -30.36 -18.80 12.43
CA VAL A 225 -31.19 -17.97 11.57
C VAL A 225 -32.54 -17.71 12.24
N TYR A 226 -33.15 -18.75 12.81
CA TYR A 226 -34.40 -18.59 13.54
C TYR A 226 -34.21 -17.76 14.80
N VAL A 227 -33.07 -17.93 15.48
CA VAL A 227 -32.79 -17.14 16.68
C VAL A 227 -32.66 -15.66 16.35
N THR A 228 -31.94 -15.34 15.27
CA THR A 228 -31.73 -13.94 14.90
C THR A 228 -33.00 -13.31 14.34
N LEU A 229 -33.79 -14.08 13.58
CA LEU A 229 -35.00 -13.50 12.99
C LEU A 229 -36.11 -13.35 14.02
N ARG A 230 -36.27 -14.31 14.93
CA ARG A 230 -37.33 -14.23 15.93
C ARG A 230 -37.01 -13.16 16.97
N CYS A 231 -35.80 -13.16 17.49
CA CYS A 231 -35.39 -12.23 18.53
C CYS A 231 -34.85 -10.96 17.88
N ASP A 232 -35.60 -9.87 17.98
CA ASP A 232 -35.16 -8.59 17.44
C ASP A 232 -34.01 -8.05 18.28
N SER A 233 -32.90 -7.72 17.62
CA SER A 233 -31.68 -7.34 18.33
C SER A 233 -30.91 -6.34 17.48
N ALA A 234 -29.65 -6.11 17.85
CA ALA A 234 -28.81 -5.13 17.18
C ALA A 234 -28.19 -5.73 15.93
N PHE A 235 -27.21 -5.02 15.36
CA PHE A 235 -26.59 -5.46 14.11
C PHE A 235 -25.38 -6.34 14.34
N LEU A 236 -24.44 -5.92 15.20
CA LEU A 236 -23.16 -6.62 15.29
C LEU A 236 -23.28 -7.95 16.03
N SER A 237 -24.22 -8.08 16.96
CA SER A 237 -24.40 -9.35 17.66
C SER A 237 -24.91 -10.44 16.71
N GLY A 238 -25.87 -10.08 15.84
CA GLY A 238 -26.30 -11.01 14.81
C GLY A 238 -25.20 -11.31 13.81
N VAL A 239 -24.36 -10.31 13.51
CA VAL A 239 -23.27 -10.49 12.56
C VAL A 239 -22.25 -11.49 13.11
N THR A 240 -21.88 -11.36 14.39
CA THR A 240 -20.89 -12.29 14.92
C THR A 240 -21.48 -13.68 15.17
N LEU A 241 -22.78 -13.77 15.54
CA LEU A 241 -23.41 -15.08 15.65
C LEU A 241 -23.49 -15.78 14.30
N MET A 242 -23.85 -15.04 13.25
CA MET A 242 -23.99 -15.66 11.94
C MET A 242 -22.63 -16.02 11.37
N LEU A 243 -21.61 -15.18 11.59
CA LEU A 243 -20.25 -15.50 11.15
C LEU A 243 -19.72 -16.74 11.85
N LEU A 244 -19.98 -16.87 13.15
CA LEU A 244 -19.59 -18.07 13.87
C LEU A 244 -20.33 -19.30 13.35
N THR A 245 -21.60 -19.14 12.99
CA THR A 245 -22.38 -20.24 12.42
C THR A 245 -21.80 -20.72 11.10
N CYS A 246 -21.42 -19.77 10.23
CA CYS A 246 -20.83 -20.14 8.94
C CYS A 246 -19.47 -20.82 9.10
N ILE A 247 -18.64 -20.30 10.00
CA ILE A 247 -17.32 -20.90 10.25
C ILE A 247 -17.45 -22.31 10.82
N VAL A 248 -18.37 -22.48 11.78
CA VAL A 248 -18.58 -23.79 12.39
C VAL A 248 -19.15 -24.79 11.37
N TRP A 249 -19.99 -24.31 10.44
CA TRP A 249 -20.48 -25.17 9.36
C TRP A 249 -19.36 -25.65 8.45
N LEU A 250 -18.48 -24.73 8.02
CA LEU A 250 -17.37 -25.10 7.15
C LEU A 250 -16.43 -26.09 7.85
N LYS A 251 -16.19 -25.86 9.14
CA LYS A 251 -15.39 -26.80 9.94
C LYS A 251 -16.04 -28.17 10.02
N LEU A 252 -17.37 -28.20 10.17
CA LEU A 252 -18.10 -29.46 10.28
C LEU A 252 -18.04 -30.27 8.97
N VAL A 253 -18.23 -29.59 7.84
CA VAL A 253 -18.18 -30.26 6.55
C VAL A 253 -16.77 -30.76 6.25
N SER A 254 -15.75 -29.96 6.61
CA SER A 254 -14.38 -30.43 6.47
C SER A 254 -14.02 -31.57 7.42
N TYR A 255 -14.69 -31.68 8.56
CA TYR A 255 -14.44 -32.84 9.41
C TYR A 255 -15.12 -34.08 8.87
N ALA A 256 -16.33 -33.92 8.32
CA ALA A 256 -17.19 -35.07 7.99
C ALA A 256 -16.57 -35.94 6.91
N HIS A 257 -15.98 -35.34 5.87
CA HIS A 257 -15.42 -36.07 4.74
C HIS A 257 -13.96 -35.68 4.56
N THR A 258 -13.08 -36.30 5.36
CA THR A 258 -11.65 -36.01 5.28
C THR A 258 -10.73 -37.21 5.51
N SER A 259 -11.24 -38.42 5.68
CA SER A 259 -10.39 -39.54 6.08
C SER A 259 -10.86 -40.80 5.38
N TYR A 260 -10.34 -41.94 5.84
CA TYR A 260 -10.67 -43.24 5.26
C TYR A 260 -11.99 -43.76 5.79
N ASP A 261 -12.08 -43.99 7.11
CA ASP A 261 -13.32 -44.40 7.74
C ASP A 261 -13.41 -43.86 9.16
N TYR A 278 -14.61 -44.63 22.69
CA TYR A 278 -13.29 -44.63 23.29
C TYR A 278 -12.21 -44.74 22.22
N TYR A 279 -11.31 -43.76 22.18
CA TYR A 279 -10.23 -43.72 21.20
C TYR A 279 -9.04 -43.01 21.83
N VAL A 280 -8.07 -42.65 20.99
CA VAL A 280 -6.88 -41.94 21.44
C VAL A 280 -6.88 -40.47 21.04
N SER A 281 -7.79 -40.04 20.17
CA SER A 281 -7.90 -38.65 19.75
C SER A 281 -9.35 -38.21 19.94
N LEU A 282 -9.67 -37.77 21.16
CA LEU A 282 -11.01 -37.30 21.49
C LEU A 282 -11.09 -35.79 21.63
N LYS A 283 -9.95 -35.10 21.71
CA LYS A 283 -9.91 -33.65 21.82
C LYS A 283 -9.32 -32.99 20.57
N SER A 284 -9.21 -33.75 19.47
CA SER A 284 -8.76 -33.15 18.22
C SER A 284 -9.84 -32.27 17.61
N LEU A 285 -11.11 -32.68 17.75
CA LEU A 285 -12.21 -31.86 17.24
C LEU A 285 -12.42 -30.62 18.11
N ALA A 286 -12.04 -30.67 19.38
CA ALA A 286 -12.17 -29.52 20.25
C ALA A 286 -11.03 -28.53 20.07
N TYR A 287 -9.98 -28.89 19.34
CA TYR A 287 -8.97 -27.93 18.92
C TYR A 287 -9.20 -27.40 17.52
N PHE A 288 -9.75 -28.23 16.62
CA PHE A 288 -10.12 -27.78 15.28
C PHE A 288 -11.25 -26.78 15.32
N MET A 289 -12.08 -26.80 16.36
CA MET A 289 -13.18 -25.85 16.48
C MET A 289 -12.67 -24.43 16.67
N VAL A 290 -11.55 -24.26 17.37
CA VAL A 290 -11.05 -22.92 17.66
C VAL A 290 -9.70 -22.82 16.95
N ALA A 291 -9.57 -23.49 15.80
CA ALA A 291 -8.39 -23.34 14.96
C ALA A 291 -8.73 -22.60 13.67
N PRO A 292 -7.81 -21.80 13.14
CA PRO A 292 -8.14 -21.00 11.95
C PRO A 292 -8.34 -21.81 10.68
N THR A 293 -7.72 -22.97 10.56
CA THR A 293 -7.83 -23.73 9.33
C THR A 293 -9.20 -24.40 9.22
N LEU A 294 -9.56 -24.74 7.98
CA LEU A 294 -10.77 -25.50 7.72
C LEU A 294 -10.38 -26.80 7.02
N CYS A 295 -9.34 -27.46 7.51
CA CYS A 295 -8.92 -28.74 7.01
C CYS A 295 -8.53 -29.60 8.21
N TYR A 296 -8.93 -30.86 8.18
CA TYR A 296 -8.75 -31.70 9.36
C TYR A 296 -7.44 -32.47 9.31
N GLN A 297 -7.05 -32.96 10.48
CA GLN A 297 -5.75 -33.53 10.84
C GLN A 297 -4.61 -32.60 10.40
N PRO A 298 -4.44 -31.43 11.04
CA PRO A 298 -3.38 -30.50 10.59
C PRO A 298 -1.99 -30.99 10.96
N SER A 299 -1.84 -31.45 12.21
CA SER A 299 -0.57 -31.87 12.81
C SER A 299 0.49 -30.78 12.73
N TYR A 300 0.05 -29.53 12.80
CA TYR A 300 0.91 -28.35 12.82
C TYR A 300 1.35 -28.09 14.25
N PRO A 301 2.62 -27.64 14.47
CA PRO A 301 3.25 -27.78 15.79
C PRO A 301 2.66 -26.83 16.83
N ARG A 302 1.83 -27.38 17.71
CA ARG A 302 1.38 -26.68 18.90
C ARG A 302 2.46 -26.64 19.99
N SER A 303 3.35 -27.63 20.02
CA SER A 303 4.38 -27.72 21.06
C SER A 303 5.47 -26.69 20.78
N ALA A 304 5.18 -25.45 21.19
CA ALA A 304 6.10 -24.34 20.97
C ALA A 304 5.89 -23.31 22.07
N CYS A 305 6.87 -22.44 22.26
CA CYS A 305 6.78 -21.40 23.27
C CYS A 305 5.80 -20.34 22.81
N ILE A 306 4.74 -20.13 23.59
CA ILE A 306 3.76 -19.09 23.27
C ILE A 306 4.38 -17.74 23.57
N ARG A 307 4.38 -16.86 22.57
CA ARG A 307 4.83 -15.49 22.77
C ARG A 307 3.69 -14.71 23.39
N LYS A 308 3.73 -14.53 24.71
CA LYS A 308 2.68 -13.71 25.39
C LYS A 308 2.85 -12.26 24.90
N GLY A 309 4.02 -11.93 24.35
CA GLY A 309 4.24 -10.58 23.80
C GLY A 309 3.84 -10.52 22.34
N TRP A 310 3.94 -9.34 21.71
CA TRP A 310 3.56 -9.17 20.28
C TRP A 310 2.05 -9.33 20.12
N VAL A 311 1.51 -10.49 20.54
CA VAL A 311 0.04 -10.75 20.43
C VAL A 311 -0.71 -9.71 21.27
N ALA A 312 -0.15 -9.32 22.42
CA ALA A 312 -0.78 -8.26 23.24
C ALA A 312 -0.78 -6.96 22.42
N ARG A 313 0.35 -6.63 21.81
CA ARG A 313 0.42 -5.43 20.93
C ARG A 313 -0.61 -5.60 19.81
N GLN A 314 -0.74 -6.83 19.28
CA GLN A 314 -1.71 -7.08 18.22
C GLN A 314 -3.14 -6.85 18.69
N PHE A 315 -3.43 -7.18 19.96
CA PHE A 315 -4.75 -6.90 20.51
C PHE A 315 -5.00 -5.39 20.64
N ALA A 316 -3.97 -4.63 21.01
CA ALA A 316 -4.11 -3.18 21.07
C ALA A 316 -4.33 -2.58 19.69
N LYS A 317 -3.61 -3.09 18.69
CA LYS A 317 -3.86 -2.69 17.31
C LYS A 317 -5.27 -3.04 16.87
N LEU A 318 -5.76 -4.20 17.32
CA LEU A 318 -7.11 -4.65 16.96
C LEU A 318 -8.19 -3.73 17.54
N VAL A 319 -8.08 -3.37 18.82
CA VAL A 319 -9.12 -2.54 19.41
C VAL A 319 -9.04 -1.11 18.85
N ILE A 320 -7.83 -0.60 18.61
CA ILE A 320 -7.73 0.75 18.07
C ILE A 320 -8.17 0.81 16.60
N PHE A 321 -8.01 -0.28 15.84
CA PHE A 321 -8.48 -0.25 14.46
C PHE A 321 -9.98 -0.53 14.37
N THR A 322 -10.54 -1.26 15.33
CA THR A 322 -12.00 -1.35 15.41
C THR A 322 -12.61 -0.02 15.78
N GLY A 323 -11.96 0.74 16.68
CA GLY A 323 -12.41 2.09 16.97
C GLY A 323 -12.29 3.02 15.78
N PHE A 324 -11.23 2.86 14.98
CA PHE A 324 -11.08 3.65 13.77
C PHE A 324 -12.16 3.29 12.73
N MET A 325 -12.51 1.99 12.65
CA MET A 325 -13.63 1.56 11.82
C MET A 325 -14.93 2.23 12.25
N GLY A 326 -15.17 2.26 13.56
CA GLY A 326 -16.36 2.92 14.07
C GLY A 326 -16.39 4.41 13.79
N PHE A 327 -15.22 5.05 13.83
CA PHE A 327 -15.16 6.50 13.57
C PHE A 327 -15.45 6.79 12.11
N ILE A 328 -14.86 6.00 11.20
CA ILE A 328 -15.09 6.21 9.78
C ILE A 328 -16.55 5.93 9.42
N ILE A 329 -17.15 4.89 10.04
CA ILE A 329 -18.56 4.59 9.83
C ILE A 329 -19.45 5.71 10.34
N GLU A 330 -19.16 6.23 11.53
CA GLU A 330 -20.04 7.21 12.16
C GLU A 330 -19.96 8.57 11.48
N GLN A 331 -18.77 9.00 11.07
CA GLN A 331 -18.63 10.35 10.54
C GLN A 331 -18.20 10.39 9.07
N TYR A 332 -18.38 9.30 8.32
CA TYR A 332 -18.11 9.37 6.89
C TYR A 332 -19.24 8.77 6.07
N ILE A 333 -19.95 7.78 6.63
CA ILE A 333 -21.03 7.11 5.93
C ILE A 333 -22.40 7.48 6.49
N ASN A 334 -22.50 7.61 7.82
CA ASN A 334 -23.77 7.99 8.44
C ASN A 334 -24.30 9.37 8.06
N PRO A 335 -23.50 10.44 7.90
CA PRO A 335 -24.07 11.67 7.33
C PRO A 335 -24.59 11.54 5.90
N ILE A 336 -24.06 10.59 5.12
CA ILE A 336 -24.50 10.44 3.73
C ILE A 336 -25.92 9.89 3.66
N VAL A 337 -26.20 8.84 4.44
CA VAL A 337 -27.56 8.32 4.50
C VAL A 337 -28.41 9.22 5.38
N ARG A 338 -29.73 9.08 5.23
CA ARG A 338 -30.66 9.92 5.99
C ARG A 338 -31.37 9.11 7.06
N ILE A 352 -24.77 7.89 -10.49
CA ILE A 352 -23.57 7.82 -11.30
C ILE A 352 -22.34 7.94 -10.42
N GLU A 353 -21.81 9.16 -10.29
CA GLU A 353 -20.67 9.41 -9.42
C GLU A 353 -21.06 9.54 -7.95
N ARG A 354 -22.35 9.73 -7.65
CA ARG A 354 -22.80 9.78 -6.27
C ARG A 354 -22.68 8.43 -5.59
N VAL A 355 -22.80 7.34 -6.36
CA VAL A 355 -22.58 6.00 -5.82
C VAL A 355 -21.11 5.82 -5.41
N LEU A 356 -20.18 6.33 -6.23
CA LEU A 356 -18.78 6.25 -5.86
C LEU A 356 -18.43 7.19 -4.71
N LYS A 357 -19.11 8.34 -4.62
CA LYS A 357 -18.95 9.21 -3.46
C LYS A 357 -19.51 8.57 -2.19
N LEU A 358 -20.54 7.73 -2.32
CA LEU A 358 -21.05 6.98 -1.18
C LEU A 358 -20.14 5.82 -0.83
N SER A 359 -19.48 5.22 -1.83
CA SER A 359 -18.72 3.99 -1.67
C SER A 359 -17.23 4.20 -1.46
N VAL A 360 -16.72 5.43 -1.51
CA VAL A 360 -15.33 5.68 -1.13
C VAL A 360 -14.99 5.37 0.33
N PRO A 361 -15.79 5.72 1.37
CA PRO A 361 -15.33 5.36 2.72
C PRO A 361 -15.53 3.91 3.07
N ASN A 362 -16.50 3.21 2.47
CA ASN A 362 -16.70 1.81 2.83
C ASN A 362 -15.63 0.89 2.27
N LEU A 363 -14.93 1.29 1.22
CA LEU A 363 -13.77 0.51 0.80
C LEU A 363 -12.66 0.57 1.85
N TYR A 364 -12.46 1.74 2.45
CA TYR A 364 -11.51 1.82 3.56
C TYR A 364 -12.02 1.08 4.79
N VAL A 365 -13.34 1.06 4.98
CA VAL A 365 -13.93 0.28 6.08
C VAL A 365 -13.68 -1.21 5.88
N TRP A 366 -13.80 -1.70 4.64
CA TRP A 366 -13.50 -3.11 4.36
C TRP A 366 -12.01 -3.40 4.47
N LEU A 367 -11.15 -2.45 4.08
CA LEU A 367 -9.72 -2.64 4.23
C LEU A 367 -9.33 -2.76 5.70
N CYS A 368 -9.94 -1.92 6.55
CA CYS A 368 -9.71 -2.02 7.97
C CYS A 368 -10.33 -3.29 8.57
N MET A 369 -11.44 -3.76 8.01
CA MET A 369 -12.01 -5.04 8.42
C MET A 369 -11.06 -6.20 8.12
N PHE A 370 -10.47 -6.21 6.93
CA PHE A 370 -9.52 -7.26 6.58
C PHE A 370 -8.26 -7.18 7.44
N TYR A 371 -7.80 -5.97 7.74
CA TYR A 371 -6.66 -5.85 8.63
C TYR A 371 -7.00 -6.30 10.05
N CYS A 372 -8.25 -6.07 10.48
CA CYS A 372 -8.66 -6.47 11.82
C CYS A 372 -8.79 -7.99 11.94
N PHE A 373 -9.42 -8.63 10.95
CA PHE A 373 -9.72 -10.05 11.10
C PHE A 373 -8.53 -10.93 10.71
N PHE A 374 -8.06 -10.80 9.46
CA PHE A 374 -7.14 -11.80 8.93
C PHE A 374 -5.70 -11.57 9.37
N HIS A 375 -5.27 -10.33 9.53
CA HIS A 375 -3.92 -10.12 10.00
C HIS A 375 -3.84 -10.03 11.51
N LEU A 376 -4.82 -9.39 12.17
CA LEU A 376 -4.72 -9.17 13.61
C LEU A 376 -5.41 -10.27 14.41
N TRP A 377 -6.72 -10.44 14.22
CA TRP A 377 -7.48 -11.42 15.01
C TRP A 377 -7.06 -12.85 14.73
N LEU A 378 -6.80 -13.18 13.47
CA LEU A 378 -6.47 -14.57 13.15
C LEU A 378 -5.07 -14.92 13.62
N ASN A 379 -4.16 -13.95 13.66
CA ASN A 379 -2.85 -14.20 14.25
C ASN A 379 -2.90 -14.23 15.78
N ILE A 380 -3.78 -13.43 16.39
CA ILE A 380 -3.99 -13.51 17.84
C ILE A 380 -4.55 -14.88 18.22
N LEU A 381 -5.52 -15.37 17.45
CA LEU A 381 -6.09 -16.69 17.68
C LEU A 381 -5.07 -17.80 17.44
N ALA A 382 -4.26 -17.67 16.39
CA ALA A 382 -3.22 -18.66 16.14
C ALA A 382 -2.07 -18.56 17.13
N GLU A 383 -1.95 -17.46 17.86
CA GLU A 383 -0.89 -17.32 18.85
C GLU A 383 -1.31 -17.76 20.25
N LEU A 384 -2.52 -17.39 20.69
CA LEU A 384 -2.99 -17.71 22.04
C LEU A 384 -3.09 -19.21 22.28
N LEU A 385 -3.60 -19.93 21.29
CA LEU A 385 -3.61 -21.39 21.35
C LEU A 385 -2.41 -22.00 20.65
N CYS A 386 -1.42 -21.16 20.29
CA CYS A 386 -0.14 -21.48 19.65
C CYS A 386 -0.30 -22.46 18.49
N PHE A 387 -1.06 -22.01 17.50
CA PHE A 387 -1.20 -22.72 16.25
C PHE A 387 0.03 -22.60 15.36
N GLY A 388 0.62 -21.40 15.28
CA GLY A 388 1.83 -21.22 14.52
C GLY A 388 1.87 -19.92 13.75
N ASP A 389 0.73 -19.20 13.72
CA ASP A 389 0.53 -17.96 12.95
C ASP A 389 0.86 -18.15 11.48
N ARG A 390 0.11 -19.03 10.83
CA ARG A 390 0.44 -19.50 9.49
C ARG A 390 -0.06 -18.54 8.43
N GLU A 391 0.05 -18.94 7.16
CA GLU A 391 -0.42 -18.14 6.03
C GLU A 391 -1.93 -18.23 5.99
N PHE A 392 -2.60 -17.14 6.35
CA PHE A 392 -4.06 -17.08 6.41
C PHE A 392 -4.64 -16.30 5.24
N TYR A 393 -3.78 -15.70 4.42
CA TYR A 393 -4.10 -15.07 3.15
C TYR A 393 -2.78 -14.83 2.43
N LYS A 394 -2.87 -14.55 1.15
CA LYS A 394 -1.74 -14.07 0.38
C LYS A 394 -2.08 -12.68 -0.15
N ASP A 395 -1.24 -12.17 -1.05
CA ASP A 395 -1.34 -10.80 -1.54
C ASP A 395 -2.53 -10.65 -2.47
N TRP A 396 -3.71 -10.47 -1.87
CA TRP A 396 -4.94 -10.22 -2.63
C TRP A 396 -5.05 -8.78 -3.09
N TRP A 397 -4.31 -7.85 -2.49
CA TRP A 397 -4.47 -6.44 -2.82
C TRP A 397 -3.96 -6.14 -4.21
N ASN A 398 -2.98 -6.90 -4.68
CA ASN A 398 -2.59 -6.89 -6.09
C ASN A 398 -3.21 -8.08 -6.82
N ALA A 399 -4.54 -8.09 -6.85
CA ALA A 399 -5.28 -9.12 -7.58
C ALA A 399 -5.31 -8.75 -9.05
N LYS A 400 -4.70 -9.59 -9.90
CA LYS A 400 -4.78 -9.38 -11.34
C LYS A 400 -6.20 -9.60 -11.84
N SER A 401 -6.93 -10.53 -11.24
CA SER A 401 -8.33 -10.77 -11.53
C SER A 401 -9.07 -10.97 -10.22
N VAL A 402 -10.40 -10.92 -10.28
CA VAL A 402 -11.16 -11.21 -9.08
C VAL A 402 -11.17 -12.72 -8.79
N GLY A 403 -10.96 -13.54 -9.82
CA GLY A 403 -10.76 -14.96 -9.57
C GLY A 403 -9.43 -15.25 -8.91
N ASP A 404 -8.44 -14.37 -9.14
CA ASP A 404 -7.20 -14.44 -8.37
C ASP A 404 -7.38 -13.87 -6.97
N TYR A 405 -8.32 -12.92 -6.80
CA TYR A 405 -8.63 -12.39 -5.48
C TYR A 405 -9.25 -13.46 -4.59
N TRP A 406 -10.11 -14.30 -5.16
CA TRP A 406 -10.81 -15.28 -4.34
C TRP A 406 -9.92 -16.43 -3.87
N ARG A 407 -8.78 -16.67 -4.51
CA ARG A 407 -7.91 -17.78 -4.15
C ARG A 407 -6.80 -17.38 -3.19
N MET A 408 -6.70 -16.11 -2.80
CA MET A 408 -5.69 -15.69 -1.85
C MET A 408 -6.19 -14.72 -0.80
N TRP A 409 -7.46 -14.35 -0.81
CA TRP A 409 -7.99 -13.55 0.27
C TRP A 409 -8.19 -14.38 1.53
N ASN A 410 -8.37 -15.68 1.37
CA ASN A 410 -8.74 -16.56 2.48
C ASN A 410 -8.05 -17.91 2.25
N MET A 411 -6.88 -18.06 2.85
CA MET A 411 -6.20 -19.35 2.79
C MET A 411 -6.86 -20.44 3.65
N PRO A 412 -7.54 -20.14 4.77
CA PRO A 412 -8.43 -21.16 5.34
C PRO A 412 -9.56 -21.61 4.42
N VAL A 413 -10.26 -20.68 3.76
CA VAL A 413 -11.39 -21.07 2.91
C VAL A 413 -10.88 -21.74 1.63
N HIS A 414 -9.74 -21.31 1.09
CA HIS A 414 -9.20 -21.92 -0.12
C HIS A 414 -8.80 -23.37 0.09
N LYS A 415 -8.26 -23.70 1.25
CA LYS A 415 -8.00 -25.10 1.55
C LYS A 415 -9.28 -25.86 1.87
N TRP A 416 -10.34 -25.16 2.29
CA TRP A 416 -11.67 -25.77 2.33
C TRP A 416 -12.25 -25.95 0.94
N MET A 417 -11.75 -25.20 -0.05
CA MET A 417 -12.20 -25.32 -1.43
C MET A 417 -11.47 -26.41 -2.20
N VAL A 418 -10.26 -26.79 -1.79
CA VAL A 418 -9.47 -27.73 -2.56
C VAL A 418 -10.06 -29.13 -2.48
N ARG A 419 -10.58 -29.53 -1.32
CA ARG A 419 -11.36 -30.76 -1.23
C ARG A 419 -12.65 -30.69 -2.05
N HIS A 420 -13.17 -29.48 -2.24
CA HIS A 420 -14.36 -29.22 -3.05
C HIS A 420 -14.05 -29.05 -4.52
N ILE A 421 -12.77 -28.95 -4.90
CA ILE A 421 -12.36 -28.79 -6.29
C ILE A 421 -11.49 -29.95 -6.75
N TYR A 422 -10.39 -30.21 -6.03
CA TYR A 422 -9.42 -31.22 -6.43
C TYR A 422 -9.83 -32.61 -5.96
N PHE A 423 -8.87 -33.55 -5.93
CA PHE A 423 -8.98 -35.01 -5.86
C PHE A 423 -10.09 -35.62 -4.99
N PRO A 424 -10.45 -35.06 -3.81
CA PRO A 424 -11.72 -35.49 -3.19
C PRO A 424 -12.96 -35.22 -4.04
N CYS A 425 -12.98 -34.13 -4.82
CA CYS A 425 -14.13 -33.82 -5.66
C CYS A 425 -13.79 -33.91 -7.15
N LEU A 426 -12.68 -34.54 -7.52
CA LEU A 426 -12.34 -34.73 -8.93
C LEU A 426 -13.01 -35.95 -9.54
N ARG A 427 -13.85 -36.66 -8.77
CA ARG A 427 -14.58 -37.80 -9.30
C ARG A 427 -15.75 -37.39 -10.19
N SER A 428 -16.15 -36.12 -10.17
CA SER A 428 -17.25 -35.66 -11.00
C SER A 428 -16.81 -35.04 -12.32
N LYS A 429 -15.62 -34.44 -12.35
CA LYS A 429 -14.95 -33.95 -13.57
C LYS A 429 -15.78 -32.89 -14.30
N ILE A 430 -16.03 -31.78 -13.62
CA ILE A 430 -16.67 -30.62 -14.25
C ILE A 430 -15.87 -29.37 -13.92
N PRO A 431 -15.53 -28.54 -14.91
CA PRO A 431 -14.68 -27.37 -14.64
C PRO A 431 -15.41 -26.16 -14.10
N LYS A 432 -16.61 -25.88 -14.61
CA LYS A 432 -17.21 -24.58 -14.40
C LYS A 432 -18.05 -24.50 -13.13
N THR A 433 -18.99 -25.43 -12.96
CA THR A 433 -19.86 -25.39 -11.77
C THR A 433 -19.08 -25.72 -10.51
N LEU A 434 -18.12 -26.63 -10.60
CA LEU A 434 -17.36 -27.08 -9.43
C LEU A 434 -16.38 -26.03 -8.90
N ALA A 435 -16.17 -24.94 -9.63
CA ALA A 435 -15.22 -23.93 -9.20
C ALA A 435 -15.86 -22.55 -9.13
N ILE A 436 -16.81 -22.26 -10.02
CA ILE A 436 -17.33 -20.92 -10.18
C ILE A 436 -18.79 -20.79 -9.72
N ILE A 437 -19.56 -21.88 -9.71
CA ILE A 437 -20.97 -21.73 -9.37
C ILE A 437 -21.27 -22.21 -7.95
N ILE A 438 -21.07 -23.51 -7.68
CA ILE A 438 -21.53 -24.04 -6.39
C ILE A 438 -20.52 -23.75 -5.28
N ALA A 439 -19.23 -23.70 -5.60
CA ALA A 439 -18.24 -23.25 -4.62
C ALA A 439 -18.42 -21.79 -4.29
N PHE A 440 -18.98 -21.00 -5.21
CA PHE A 440 -19.38 -19.65 -4.88
C PHE A 440 -20.81 -19.54 -4.41
N LEU A 441 -21.65 -20.56 -4.67
CA LEU A 441 -22.97 -20.60 -4.03
C LEU A 441 -22.84 -20.78 -2.53
N VAL A 442 -21.84 -21.56 -2.11
CA VAL A 442 -21.53 -21.69 -0.69
C VAL A 442 -21.18 -20.34 -0.09
N SER A 443 -20.26 -19.62 -0.74
CA SER A 443 -19.84 -18.31 -0.22
C SER A 443 -20.96 -17.28 -0.30
N ALA A 444 -21.85 -17.39 -1.29
CA ALA A 444 -22.98 -16.47 -1.38
C ALA A 444 -24.00 -16.73 -0.27
N VAL A 445 -24.27 -18.00 0.03
CA VAL A 445 -25.18 -18.34 1.12
C VAL A 445 -24.62 -17.85 2.45
N PHE A 446 -23.33 -18.07 2.68
CA PHE A 446 -22.75 -17.64 3.94
C PHE A 446 -22.26 -16.19 3.92
N HIS A 447 -22.52 -15.45 2.85
CA HIS A 447 -22.52 -13.99 2.87
C HIS A 447 -23.91 -13.43 3.17
N GLU A 448 -24.92 -14.01 2.53
CA GLU A 448 -26.31 -13.56 2.70
C GLU A 448 -26.79 -13.79 4.12
N LEU A 449 -26.41 -14.90 4.74
CA LEU A 449 -26.74 -15.14 6.14
C LEU A 449 -26.00 -14.18 7.05
N CYS A 450 -24.77 -13.83 6.73
CA CYS A 450 -24.00 -12.94 7.59
C CYS A 450 -24.45 -11.49 7.51
N ILE A 451 -24.96 -11.04 6.37
CA ILE A 451 -25.28 -9.61 6.25
C ILE A 451 -26.77 -9.34 6.33
N ALA A 452 -27.60 -10.27 5.85
CA ALA A 452 -29.02 -9.95 5.72
C ALA A 452 -29.85 -10.32 6.95
N VAL A 453 -29.57 -11.48 7.54
CA VAL A 453 -30.25 -11.86 8.78
C VAL A 453 -30.05 -10.88 9.94
N PRO A 454 -28.85 -10.31 10.20
CA PRO A 454 -28.79 -9.29 11.27
C PRO A 454 -29.55 -8.01 10.99
N CYS A 455 -29.76 -7.65 9.73
CA CYS A 455 -30.57 -6.47 9.42
C CYS A 455 -32.06 -6.76 9.45
N ARG A 456 -32.45 -8.03 9.57
CA ARG A 456 -33.85 -8.49 9.71
C ARG A 456 -34.70 -8.07 8.51
N LEU A 457 -34.09 -8.03 7.33
CA LEU A 457 -34.84 -7.92 6.09
C LEU A 457 -34.12 -8.74 5.03
N PHE A 458 -34.91 -9.44 4.21
CA PHE A 458 -34.40 -10.38 3.23
C PHE A 458 -34.66 -9.83 1.83
N LYS A 459 -33.74 -9.01 1.33
CA LYS A 459 -33.80 -8.52 -0.04
C LYS A 459 -32.82 -9.25 -0.94
N LEU A 460 -32.10 -10.24 -0.41
CA LEU A 460 -31.22 -11.16 -1.16
C LEU A 460 -30.07 -10.42 -1.87
N TRP A 461 -29.68 -9.25 -1.34
CA TRP A 461 -28.72 -8.39 -2.02
C TRP A 461 -27.29 -8.91 -1.91
N ALA A 462 -26.90 -9.49 -0.77
CA ALA A 462 -25.55 -10.03 -0.65
C ALA A 462 -25.40 -11.32 -1.45
N PHE A 463 -26.46 -12.14 -1.46
CA PHE A 463 -26.48 -13.35 -2.27
C PHE A 463 -26.39 -13.02 -3.76
N LEU A 464 -27.21 -12.08 -4.23
CA LEU A 464 -27.14 -11.68 -5.63
C LEU A 464 -25.87 -10.89 -5.93
N GLY A 465 -25.27 -10.24 -4.93
CA GLY A 465 -24.00 -9.58 -5.13
C GLY A 465 -22.88 -10.56 -5.40
N ILE A 466 -22.82 -11.64 -4.63
CA ILE A 466 -21.80 -12.67 -4.89
C ILE A 466 -22.11 -13.42 -6.18
N MET A 467 -23.40 -13.68 -6.46
CA MET A 467 -23.75 -14.39 -7.68
C MET A 467 -23.62 -13.52 -8.93
N PHE A 468 -23.59 -12.20 -8.79
CA PHE A 468 -23.23 -11.30 -9.89
C PHE A 468 -21.73 -11.09 -9.96
N GLN A 469 -21.04 -11.31 -8.84
CA GLN A 469 -19.59 -11.33 -8.82
C GLN A 469 -19.05 -12.60 -9.47
N VAL A 470 -19.90 -13.62 -9.62
CA VAL A 470 -19.48 -14.85 -10.33
C VAL A 470 -19.19 -14.62 -11.82
N PRO A 471 -20.03 -13.91 -12.61
CA PRO A 471 -19.58 -13.56 -13.97
C PRO A 471 -18.39 -12.59 -14.01
N LEU A 472 -18.10 -11.88 -12.93
CA LEU A 472 -16.95 -11.00 -12.90
C LEU A 472 -15.64 -11.78 -12.96
N VAL A 473 -15.64 -13.05 -12.52
CA VAL A 473 -14.45 -13.89 -12.65
C VAL A 473 -14.12 -14.13 -14.11
N PHE A 474 -15.15 -14.49 -14.89
CA PHE A 474 -14.97 -14.76 -16.32
C PHE A 474 -14.67 -13.49 -17.10
N ILE A 475 -15.24 -12.35 -16.70
CA ILE A 475 -14.92 -11.10 -17.36
C ILE A 475 -13.50 -10.66 -17.03
N THR A 476 -13.12 -10.69 -15.74
CA THR A 476 -11.84 -10.11 -15.32
C THR A 476 -10.64 -10.98 -15.64
N ASN A 477 -10.79 -12.31 -15.75
CA ASN A 477 -9.65 -13.10 -16.19
C ASN A 477 -9.31 -12.82 -17.65
N TYR A 478 -10.34 -12.71 -18.51
CA TYR A 478 -10.09 -12.37 -19.90
C TYR A 478 -9.64 -10.92 -20.05
N LEU A 479 -10.13 -10.02 -19.21
CA LEU A 479 -9.67 -8.63 -19.28
C LEU A 479 -8.26 -8.48 -18.72
N GLN A 480 -7.86 -9.37 -17.82
CA GLN A 480 -6.48 -9.42 -17.36
C GLN A 480 -5.57 -9.98 -18.45
N GLU A 481 -6.05 -10.94 -19.23
CA GLU A 481 -5.27 -11.42 -20.36
C GLU A 481 -5.20 -10.38 -21.48
N ARG A 482 -6.26 -9.61 -21.68
CA ARG A 482 -6.33 -8.61 -22.73
C ARG A 482 -5.49 -7.38 -22.39
N PHE A 483 -5.85 -6.70 -21.31
CA PHE A 483 -5.12 -5.53 -20.84
C PHE A 483 -3.96 -5.98 -19.95
N GLY A 484 -3.37 -5.05 -19.22
CA GLY A 484 -2.22 -5.35 -18.40
C GLY A 484 -2.59 -5.80 -16.99
N SER A 485 -1.54 -6.12 -16.22
CA SER A 485 -1.72 -6.40 -14.80
C SER A 485 -1.97 -5.13 -14.00
N THR A 486 -1.64 -3.97 -14.55
CA THR A 486 -1.99 -2.71 -13.90
C THR A 486 -3.48 -2.43 -14.04
N VAL A 487 -3.99 -2.42 -15.27
CA VAL A 487 -5.40 -2.14 -15.51
C VAL A 487 -6.28 -3.28 -14.99
N GLY A 488 -5.72 -4.49 -14.90
CA GLY A 488 -6.44 -5.57 -14.23
C GLY A 488 -6.67 -5.30 -12.77
N ASN A 489 -5.64 -4.79 -12.07
CA ASN A 489 -5.81 -4.47 -10.66
C ASN A 489 -6.67 -3.24 -10.45
N MET A 490 -6.58 -2.25 -11.36
CA MET A 490 -7.44 -1.07 -11.26
C MET A 490 -8.90 -1.45 -11.48
N ILE A 491 -9.17 -2.35 -12.44
CA ILE A 491 -10.56 -2.75 -12.66
C ILE A 491 -11.03 -3.68 -11.55
N PHE A 492 -10.12 -4.43 -10.91
CA PHE A 492 -10.50 -5.17 -9.70
C PHE A 492 -10.88 -4.23 -8.57
N TRP A 493 -10.12 -3.15 -8.38
CA TRP A 493 -10.42 -2.24 -7.29
C TRP A 493 -11.71 -1.47 -7.54
N PHE A 494 -11.97 -1.07 -8.78
CA PHE A 494 -13.22 -0.39 -9.08
C PHE A 494 -14.42 -1.33 -8.98
N ILE A 495 -14.29 -2.56 -9.50
CA ILE A 495 -15.39 -3.52 -9.42
C ILE A 495 -15.54 -4.12 -8.04
N PHE A 496 -14.54 -3.97 -7.17
CA PHE A 496 -14.66 -4.32 -5.78
C PHE A 496 -15.25 -3.19 -4.97
N CYS A 497 -15.05 -1.95 -5.40
CA CYS A 497 -15.62 -0.80 -4.71
C CYS A 497 -17.10 -0.67 -4.99
N ILE A 498 -17.47 -0.48 -6.26
CA ILE A 498 -18.83 -0.02 -6.52
C ILE A 498 -19.84 -1.17 -6.52
N PHE A 499 -19.48 -2.37 -7.00
CA PHE A 499 -20.40 -3.50 -7.01
C PHE A 499 -19.68 -4.72 -6.46
N GLY A 500 -19.62 -4.82 -5.14
CA GLY A 500 -18.85 -5.86 -4.52
C GLY A 500 -19.14 -5.96 -3.05
N GLN A 501 -18.19 -6.55 -2.32
CA GLN A 501 -18.36 -6.81 -0.90
C GLN A 501 -18.53 -5.57 -0.01
N PRO A 502 -17.80 -4.45 -0.19
CA PRO A 502 -18.17 -3.24 0.58
C PRO A 502 -19.56 -2.69 0.28
N MET A 503 -19.98 -2.69 -0.99
CA MET A 503 -21.30 -2.18 -1.29
C MET A 503 -22.37 -3.17 -0.84
N CYS A 504 -22.00 -4.46 -0.75
CA CYS A 504 -22.88 -5.50 -0.23
C CYS A 504 -23.19 -5.34 1.25
N VAL A 505 -22.45 -4.51 1.99
CA VAL A 505 -22.89 -4.10 3.31
C VAL A 505 -23.35 -2.65 3.34
N LEU A 506 -22.99 -1.83 2.33
CA LEU A 506 -23.56 -0.49 2.22
C LEU A 506 -25.07 -0.49 2.00
N LEU A 507 -25.56 -1.40 1.15
CA LEU A 507 -27.02 -1.48 0.92
C LEU A 507 -27.76 -1.85 2.19
N TYR A 508 -27.23 -2.80 2.95
CA TYR A 508 -27.89 -3.20 4.18
C TYR A 508 -27.76 -2.16 5.28
N TYR A 509 -26.65 -1.40 5.29
CA TYR A 509 -26.53 -0.30 6.25
C TYR A 509 -27.49 0.83 5.94
N HIS A 510 -27.69 1.15 4.66
CA HIS A 510 -28.66 2.17 4.29
C HIS A 510 -30.09 1.70 4.59
N ASP A 511 -30.37 0.41 4.37
CA ASP A 511 -31.69 -0.10 4.70
C ASP A 511 -31.90 -0.27 6.20
N LEU A 512 -30.83 -0.36 6.98
CA LEU A 512 -30.97 -0.43 8.43
C LEU A 512 -31.15 0.95 9.05
N MET A 513 -30.38 1.94 8.61
CA MET A 513 -30.45 3.28 9.16
C MET A 513 -31.43 4.19 8.43
N ASN A 514 -32.41 3.62 7.74
CA ASN A 514 -33.47 4.39 7.10
C ASN A 514 -34.70 3.50 6.95
N SER B 131 4.80 -7.86 -4.54
CA SER B 131 5.62 -7.77 -5.74
C SER B 131 5.11 -6.68 -6.67
N HIS B 132 3.79 -6.63 -6.86
CA HIS B 132 3.17 -5.65 -7.75
C HIS B 132 2.94 -4.35 -6.99
N ALA B 133 2.19 -3.43 -7.61
CA ALA B 133 1.87 -2.16 -6.96
C ALA B 133 0.86 -2.36 -5.85
N GLY B 134 -0.33 -2.85 -6.19
CA GLY B 134 -1.33 -3.14 -5.18
C GLY B 134 -2.14 -1.92 -4.80
N LEU B 135 -1.78 -1.29 -3.68
CA LEU B 135 -2.56 -0.20 -3.13
C LEU B 135 -2.42 1.11 -3.92
N PHE B 136 -1.38 1.23 -4.75
CA PHE B 136 -1.23 2.43 -5.56
C PHE B 136 -2.34 2.53 -6.62
N ASN B 137 -2.66 1.40 -7.25
CA ASN B 137 -3.78 1.37 -8.20
C ASN B 137 -5.10 1.63 -7.51
N LEU B 138 -5.23 1.19 -6.25
CA LEU B 138 -6.40 1.51 -5.43
C LEU B 138 -6.52 3.00 -5.20
N CYS B 139 -5.41 3.66 -4.87
CA CYS B 139 -5.43 5.10 -4.64
C CYS B 139 -5.76 5.86 -5.92
N VAL B 140 -5.20 5.41 -7.06
CA VAL B 140 -5.47 6.05 -8.34
C VAL B 140 -6.94 5.93 -8.72
N VAL B 141 -7.51 4.72 -8.59
CA VAL B 141 -8.90 4.53 -8.99
C VAL B 141 -9.85 5.17 -7.97
N VAL B 142 -9.43 5.32 -6.72
CA VAL B 142 -10.35 5.92 -5.76
C VAL B 142 -10.34 7.45 -5.87
N LEU B 143 -9.22 8.04 -6.29
CA LEU B 143 -9.24 9.47 -6.56
C LEU B 143 -9.78 9.79 -7.95
N ILE B 144 -9.86 8.79 -8.83
CA ILE B 144 -10.68 8.92 -10.02
C ILE B 144 -12.16 8.90 -9.63
N ALA B 145 -12.53 8.00 -8.72
CA ALA B 145 -13.93 7.79 -8.38
C ALA B 145 -14.50 8.91 -7.51
N VAL B 146 -13.65 9.61 -6.74
CA VAL B 146 -14.15 10.65 -5.84
C VAL B 146 -14.67 11.84 -6.65
N ASN B 147 -13.92 12.27 -7.66
CA ASN B 147 -14.30 13.44 -8.44
C ASN B 147 -15.14 13.04 -9.65
N SER B 148 -15.88 14.02 -10.17
CA SER B 148 -16.90 13.78 -11.18
C SER B 148 -16.36 13.67 -12.60
N ARG B 149 -15.07 13.94 -12.83
CA ARG B 149 -14.50 13.85 -14.16
C ARG B 149 -14.12 12.40 -14.44
N LEU B 150 -15.13 11.61 -14.79
CA LEU B 150 -14.93 10.20 -15.12
C LEU B 150 -14.44 9.98 -16.54
N ILE B 151 -14.36 11.04 -17.35
CA ILE B 151 -13.87 10.95 -18.71
C ILE B 151 -12.79 12.02 -18.90
N ILE B 152 -11.99 11.85 -19.95
CA ILE B 152 -10.87 12.75 -20.22
C ILE B 152 -11.34 14.13 -20.67
N GLU B 153 -12.54 14.23 -21.23
CA GLU B 153 -13.11 15.51 -21.64
C GLU B 153 -13.80 16.13 -20.43
N ASN B 154 -13.05 16.96 -19.68
CA ASN B 154 -13.60 17.57 -18.48
C ASN B 154 -14.58 18.69 -18.84
N LEU B 155 -14.08 19.75 -19.47
CA LEU B 155 -14.93 20.83 -19.93
C LEU B 155 -15.16 20.76 -21.45
N MET B 156 -14.09 20.84 -22.23
CA MET B 156 -14.14 20.78 -23.68
C MET B 156 -12.71 20.60 -24.22
N LYS B 157 -12.58 19.73 -25.22
CA LYS B 157 -11.39 19.60 -26.07
C LYS B 157 -10.11 19.25 -25.30
N TYR B 158 -10.26 18.54 -24.18
CA TYR B 158 -9.11 18.16 -23.36
C TYR B 158 -8.60 16.81 -23.84
N GLY B 159 -7.42 16.80 -24.45
CA GLY B 159 -6.84 15.55 -24.92
C GLY B 159 -6.46 14.61 -23.78
N TRP B 160 -5.85 15.16 -22.74
CA TRP B 160 -5.55 14.41 -21.53
C TRP B 160 -6.68 14.60 -20.52
N LEU B 161 -6.54 13.98 -19.36
CA LEU B 161 -7.52 14.13 -18.30
C LEU B 161 -7.35 15.41 -17.51
N ILE B 162 -6.27 16.15 -17.76
CA ILE B 162 -6.12 17.54 -17.33
C ILE B 162 -5.57 18.32 -18.51
N ARG B 163 -5.79 19.63 -18.49
CA ARG B 163 -5.22 20.48 -19.53
C ARG B 163 -3.72 20.60 -19.33
N THR B 164 -3.02 20.96 -20.41
CA THR B 164 -1.57 21.03 -20.41
C THR B 164 -1.14 22.23 -19.57
N ASP B 165 -0.77 21.98 -18.32
CA ASP B 165 -0.40 23.02 -17.38
C ASP B 165 1.03 22.91 -16.86
N PHE B 166 1.74 21.83 -17.19
CA PHE B 166 3.08 21.64 -16.64
C PHE B 166 4.09 22.55 -17.29
N TRP B 167 4.26 22.45 -18.61
CA TRP B 167 5.12 23.35 -19.36
C TRP B 167 4.33 24.30 -20.24
N PHE B 168 3.49 23.76 -21.11
CA PHE B 168 2.65 24.46 -22.10
C PHE B 168 3.53 25.32 -23.01
N SER B 169 2.96 26.39 -23.55
CA SER B 169 3.58 27.37 -24.45
C SER B 169 4.10 26.64 -25.70
N SER B 170 5.23 27.09 -26.23
CA SER B 170 5.86 26.45 -27.38
C SER B 170 7.36 26.67 -27.27
N ARG B 171 8.08 26.47 -28.38
CA ARG B 171 9.52 26.74 -28.43
C ARG B 171 9.72 28.25 -28.53
N SER B 172 9.63 28.91 -27.38
CA SER B 172 9.72 30.36 -27.28
C SER B 172 10.95 30.74 -26.46
N LEU B 173 11.19 32.04 -26.35
CA LEU B 173 12.36 32.56 -25.66
C LEU B 173 12.23 32.55 -24.14
N ARG B 174 11.05 32.20 -23.62
CA ARG B 174 10.87 32.13 -22.17
C ARG B 174 11.63 30.95 -21.57
N ASP B 175 11.53 29.78 -22.19
CA ASP B 175 12.18 28.57 -21.71
C ASP B 175 13.37 28.17 -22.58
N TRP B 176 13.77 29.04 -23.53
CA TRP B 176 14.89 28.71 -24.41
C TRP B 176 16.24 28.58 -23.71
N PRO B 177 16.69 29.53 -22.84
CA PRO B 177 18.02 29.31 -22.23
C PRO B 177 18.03 28.26 -21.14
N LEU B 178 16.87 27.88 -20.60
CA LEU B 178 16.84 26.90 -19.52
C LEU B 178 17.12 25.49 -20.04
N PHE B 179 16.49 25.10 -21.15
CA PHE B 179 16.75 23.78 -21.71
C PHE B 179 18.01 23.71 -22.53
N MET B 180 18.54 24.86 -22.97
CA MET B 180 19.83 24.91 -23.62
C MET B 180 20.99 24.90 -22.63
N CYS B 181 20.71 25.16 -21.35
CA CYS B 181 21.74 25.09 -20.32
C CYS B 181 22.07 23.65 -19.94
N CYS B 182 21.07 22.76 -19.98
CA CYS B 182 21.28 21.35 -19.64
C CYS B 182 22.25 20.68 -20.61
N ILE B 183 22.16 21.04 -21.89
CA ILE B 183 23.12 20.59 -22.89
C ILE B 183 24.52 21.08 -22.54
N SER B 184 24.61 22.31 -22.00
CA SER B 184 25.87 22.86 -21.52
C SER B 184 26.43 22.05 -20.36
N LEU B 185 25.57 21.36 -19.60
CA LEU B 185 26.04 20.50 -18.53
C LEU B 185 26.79 19.27 -19.03
N SER B 186 26.77 19.01 -20.34
CA SER B 186 27.64 17.99 -20.89
C SER B 186 29.11 18.40 -20.90
N ILE B 187 29.42 19.70 -20.86
CA ILE B 187 30.80 20.09 -21.05
C ILE B 187 31.66 19.90 -19.80
N PHE B 188 31.04 19.75 -18.63
CA PHE B 188 31.76 19.57 -17.38
C PHE B 188 32.26 18.13 -17.14
N PRO B 189 31.53 17.06 -17.52
CA PRO B 189 32.24 15.78 -17.68
C PRO B 189 33.35 15.83 -18.71
N LEU B 190 33.12 16.55 -19.81
CA LEU B 190 34.11 16.69 -20.87
C LEU B 190 35.33 17.46 -20.39
N ALA B 191 35.17 18.34 -19.40
CA ALA B 191 36.33 18.90 -18.74
C ALA B 191 37.03 17.88 -17.86
N ALA B 192 36.24 17.11 -17.08
CA ALA B 192 36.81 16.28 -16.02
C ALA B 192 37.61 15.11 -16.57
N PHE B 193 37.16 14.52 -17.68
CA PHE B 193 37.97 13.52 -18.37
C PHE B 193 39.29 14.10 -18.82
N THR B 194 39.30 15.36 -19.27
CA THR B 194 40.53 16.03 -19.62
C THR B 194 41.33 16.51 -18.41
N VAL B 195 40.96 16.11 -17.19
CA VAL B 195 41.85 16.24 -16.04
C VAL B 195 42.45 14.87 -15.76
N GLU B 196 41.72 13.82 -16.13
CA GLU B 196 42.18 12.46 -15.86
C GLU B 196 42.74 11.74 -17.08
N LYS B 197 42.26 12.05 -18.29
CA LYS B 197 42.93 11.53 -19.49
C LYS B 197 44.24 12.24 -19.72
N LEU B 198 44.35 13.49 -19.24
CA LEU B 198 45.65 14.10 -19.03
C LEU B 198 46.32 13.35 -17.88
N VAL B 199 47.37 12.59 -18.17
CA VAL B 199 48.01 11.78 -17.14
C VAL B 199 48.76 12.69 -16.17
N LEU B 200 49.02 12.15 -14.98
CA LEU B 200 49.55 12.98 -13.90
C LEU B 200 51.03 13.27 -14.05
N GLN B 201 51.70 12.66 -15.02
CA GLN B 201 53.05 13.06 -15.44
C GLN B 201 53.02 14.08 -16.56
N LYS B 202 51.85 14.56 -16.96
CA LYS B 202 51.68 15.46 -18.10
C LYS B 202 51.09 16.78 -17.61
N TYR B 203 51.96 17.68 -17.15
CA TYR B 203 51.71 19.10 -16.88
C TYR B 203 50.73 19.37 -15.74
N ILE B 204 50.36 18.36 -14.95
CA ILE B 204 49.48 18.55 -13.80
C ILE B 204 50.05 17.83 -12.61
N SER B 205 49.88 18.42 -11.42
CA SER B 205 50.38 17.87 -10.17
C SER B 205 49.21 17.44 -9.28
N GLU B 206 49.54 17.06 -8.05
CA GLU B 206 48.55 16.43 -7.18
C GLU B 206 47.51 17.39 -6.57
N PRO B 207 47.81 18.61 -6.09
CA PRO B 207 46.71 19.50 -5.71
C PRO B 207 46.03 20.18 -6.89
N VAL B 208 46.70 20.25 -8.05
CA VAL B 208 46.14 20.95 -9.20
C VAL B 208 44.92 20.21 -9.74
N VAL B 209 44.98 18.88 -9.78
CA VAL B 209 43.86 18.10 -10.31
C VAL B 209 42.64 18.19 -9.38
N ILE B 210 42.88 18.25 -8.07
CA ILE B 210 41.78 18.41 -7.12
C ILE B 210 41.19 19.82 -7.23
N PHE B 211 42.04 20.82 -7.45
CA PHE B 211 41.54 22.19 -7.62
C PHE B 211 40.74 22.34 -8.91
N LEU B 212 41.17 21.67 -9.98
CA LEU B 212 40.40 21.67 -11.22
C LEU B 212 39.06 20.96 -11.04
N HIS B 213 39.05 19.87 -10.27
CA HIS B 213 37.80 19.17 -9.97
C HIS B 213 36.82 20.04 -9.19
N ILE B 214 37.33 20.75 -8.18
CA ILE B 214 36.48 21.64 -7.38
C ILE B 214 35.96 22.80 -8.23
N ILE B 215 36.80 23.35 -9.11
CA ILE B 215 36.38 24.47 -9.94
C ILE B 215 35.33 24.04 -10.97
N ILE B 216 35.55 22.90 -11.64
CA ILE B 216 34.58 22.46 -12.64
C ILE B 216 33.33 21.86 -12.03
N THR B 217 33.30 21.60 -10.73
CA THR B 217 32.01 21.35 -10.10
C THR B 217 31.31 22.63 -9.64
N MET B 218 32.08 23.62 -9.17
CA MET B 218 31.47 24.83 -8.65
C MET B 218 30.88 25.69 -9.76
N THR B 219 31.55 25.78 -10.92
CA THR B 219 30.93 26.53 -12.02
C THR B 219 29.76 25.76 -12.61
N GLU B 220 29.78 24.44 -12.50
CA GLU B 220 28.67 23.60 -12.93
C GLU B 220 27.43 23.85 -12.07
N VAL B 221 27.61 24.11 -10.78
CA VAL B 221 26.47 24.49 -9.95
C VAL B 221 26.05 25.94 -10.24
N LEU B 222 27.02 26.86 -10.28
CA LEU B 222 26.68 28.29 -10.28
C LEU B 222 26.19 28.82 -11.64
N TYR B 223 26.43 28.12 -12.74
CA TYR B 223 25.90 28.66 -13.99
C TYR B 223 24.39 28.48 -14.18
N PRO B 224 23.76 27.32 -13.94
CA PRO B 224 22.29 27.26 -14.08
C PRO B 224 21.54 28.04 -13.03
N VAL B 225 22.11 28.32 -11.86
CA VAL B 225 21.48 29.20 -10.90
C VAL B 225 21.36 30.61 -11.46
N TYR B 226 22.44 31.10 -12.08
CA TYR B 226 22.39 32.41 -12.72
C TYR B 226 21.46 32.41 -13.93
N VAL B 227 21.42 31.31 -14.68
CA VAL B 227 20.52 31.22 -15.83
C VAL B 227 19.06 31.26 -15.38
N THR B 228 18.72 30.53 -14.33
CA THR B 228 17.33 30.50 -13.86
C THR B 228 16.93 31.80 -13.19
N LEU B 229 17.85 32.42 -12.44
CA LEU B 229 17.50 33.65 -11.73
C LEU B 229 17.44 34.85 -12.66
N ARG B 230 18.37 34.94 -13.63
CA ARG B 230 18.37 36.08 -14.54
C ARG B 230 17.21 36.00 -15.53
N CYS B 231 17.00 34.84 -16.13
CA CYS B 231 15.96 34.66 -17.13
C CYS B 231 14.67 34.24 -16.43
N ASP B 232 13.69 35.14 -16.39
CA ASP B 232 12.39 34.84 -15.80
C ASP B 232 11.65 33.83 -16.68
N SER B 233 11.23 32.73 -16.08
CA SER B 233 10.65 31.63 -16.84
C SER B 233 9.60 30.93 -15.97
N ALA B 234 9.20 29.73 -16.40
CA ALA B 234 8.15 28.98 -15.72
C ALA B 234 8.74 28.21 -14.54
N PHE B 235 7.95 27.29 -13.98
CA PHE B 235 8.36 26.55 -12.80
C PHE B 235 9.02 25.22 -13.15
N LEU B 236 8.37 24.41 -14.00
CA LEU B 236 8.87 23.05 -14.23
C LEU B 236 10.13 23.02 -15.09
N SER B 237 10.31 24.01 -15.97
CA SER B 237 11.55 24.09 -16.74
C SER B 237 12.74 24.38 -15.84
N GLY B 238 12.57 25.30 -14.90
CA GLY B 238 13.61 25.53 -13.91
C GLY B 238 13.83 24.33 -13.01
N VAL B 239 12.75 23.62 -12.68
CA VAL B 239 12.84 22.45 -11.80
C VAL B 239 13.65 21.35 -12.48
N THR B 240 13.38 21.09 -13.76
CA THR B 240 14.13 20.02 -14.44
C THR B 240 15.56 20.44 -14.74
N LEU B 241 15.81 21.73 -15.02
CA LEU B 241 17.19 22.19 -15.21
C LEU B 241 17.99 22.07 -13.92
N MET B 242 17.40 22.46 -12.79
CA MET B 242 18.15 22.40 -11.54
C MET B 242 18.31 20.96 -11.07
N LEU B 243 17.32 20.10 -11.30
CA LEU B 243 17.46 18.68 -10.97
C LEU B 243 18.55 18.02 -11.80
N LEU B 244 18.63 18.37 -13.09
CA LEU B 244 19.72 17.86 -13.92
C LEU B 244 21.06 18.38 -13.44
N THR B 245 21.12 19.63 -12.99
CA THR B 245 22.37 20.20 -12.47
C THR B 245 22.84 19.46 -11.21
N CYS B 246 21.91 19.15 -10.30
CA CYS B 246 22.28 18.42 -9.08
C CYS B 246 22.74 17.00 -9.40
N ILE B 247 22.04 16.31 -10.31
CA ILE B 247 22.43 14.94 -10.67
C ILE B 247 23.80 14.92 -11.35
N VAL B 248 24.04 15.88 -12.25
CA VAL B 248 25.33 15.96 -12.94
C VAL B 248 26.45 16.30 -11.97
N TRP B 249 26.16 17.13 -10.96
CA TRP B 249 27.15 17.43 -9.92
C TRP B 249 27.53 16.19 -9.10
N LEU B 250 26.53 15.40 -8.67
CA LEU B 250 26.82 14.19 -7.91
C LEU B 250 27.59 13.19 -8.74
N LYS B 251 27.25 13.08 -10.02
CA LYS B 251 28.00 12.23 -10.94
C LYS B 251 29.45 12.70 -11.09
N LEU B 252 29.66 14.01 -11.12
CA LEU B 252 30.99 14.57 -11.29
C LEU B 252 31.86 14.33 -10.07
N VAL B 253 31.29 14.51 -8.87
CA VAL B 253 32.05 14.28 -7.64
C VAL B 253 32.37 12.79 -7.47
N SER B 254 31.43 11.92 -7.84
CA SER B 254 31.70 10.48 -7.79
C SER B 254 32.66 9.99 -8.85
N TYR B 255 33.03 10.82 -9.83
CA TYR B 255 34.09 10.46 -10.77
C TYR B 255 35.45 10.99 -10.35
N ALA B 256 35.48 12.17 -9.70
CA ALA B 256 36.74 12.82 -9.38
C ALA B 256 37.58 11.99 -8.41
N HIS B 257 36.94 11.36 -7.42
CA HIS B 257 37.64 10.57 -6.41
C HIS B 257 36.98 9.20 -6.33
N THR B 258 37.39 8.30 -7.24
CA THR B 258 36.84 6.95 -7.27
C THR B 258 37.84 5.87 -7.66
N SER B 259 39.12 6.18 -7.84
CA SER B 259 40.05 5.20 -8.37
C SER B 259 41.43 5.42 -7.75
N TYR B 260 42.44 4.77 -8.32
CA TYR B 260 43.80 4.86 -7.81
C TYR B 260 44.49 6.12 -8.31
N ASP B 261 44.65 6.25 -9.63
CA ASP B 261 45.20 7.46 -10.22
C ASP B 261 44.58 7.72 -11.60
N TYR B 278 44.47 9.96 -25.16
CA TYR B 278 44.32 8.68 -25.83
C TYR B 278 44.38 7.53 -24.82
N TYR B 279 43.29 6.77 -24.75
CA TYR B 279 43.19 5.65 -23.83
C TYR B 279 42.29 4.59 -24.45
N VAL B 280 41.85 3.63 -23.63
CA VAL B 280 40.98 2.56 -24.09
C VAL B 280 39.55 2.72 -23.59
N SER B 281 39.30 3.62 -22.63
CA SER B 281 37.95 3.87 -22.11
C SER B 281 37.72 5.38 -22.17
N LEU B 282 37.27 5.86 -23.33
CA LEU B 282 36.98 7.27 -23.54
C LEU B 282 35.49 7.57 -23.54
N LYS B 283 34.65 6.55 -23.63
CA LYS B 283 33.20 6.71 -23.63
C LYS B 283 32.56 6.14 -22.37
N SER B 284 33.36 5.87 -21.35
CA SER B 284 32.81 5.42 -20.08
C SER B 284 32.13 6.57 -19.34
N LEU B 285 32.69 7.78 -19.44
CA LEU B 285 32.06 8.94 -18.82
C LEU B 285 30.81 9.37 -19.57
N ALA B 286 30.71 9.08 -20.86
CA ALA B 286 29.52 9.40 -21.62
C ALA B 286 28.40 8.38 -21.43
N TYR B 287 28.68 7.26 -20.78
CA TYR B 287 27.64 6.34 -20.35
C TYR B 287 27.24 6.55 -18.90
N PHE B 288 28.18 6.93 -18.04
CA PHE B 288 27.88 7.27 -16.66
C PHE B 288 27.05 8.53 -16.56
N MET B 289 27.12 9.41 -17.57
CA MET B 289 26.32 10.63 -17.57
C MET B 289 24.83 10.33 -17.65
N VAL B 290 24.44 9.30 -18.39
CA VAL B 290 23.02 9.01 -18.60
C VAL B 290 22.77 7.65 -17.94
N ALA B 291 23.51 7.36 -16.87
CA ALA B 291 23.27 6.14 -16.10
C ALA B 291 22.67 6.49 -14.74
N PRO B 292 21.78 5.65 -14.20
CA PRO B 292 21.11 6.00 -12.94
C PRO B 292 22.02 6.00 -11.73
N THR B 293 23.08 5.22 -11.73
CA THR B 293 23.94 5.14 -10.55
C THR B 293 24.79 6.39 -10.42
N LEU B 294 25.28 6.60 -9.21
CA LEU B 294 26.24 7.66 -8.90
C LEU B 294 27.51 7.04 -8.33
N CYS B 295 27.98 5.97 -8.95
CA CYS B 295 29.24 5.35 -8.58
C CYS B 295 29.94 4.94 -9.85
N TYR B 296 31.25 5.11 -9.90
CA TYR B 296 31.97 4.91 -11.14
C TYR B 296 32.54 3.50 -11.25
N GLN B 297 32.89 3.14 -12.49
CA GLN B 297 33.23 1.80 -12.98
C GLN B 297 32.17 0.79 -12.56
N PRO B 298 30.94 0.85 -13.12
CA PRO B 298 29.89 -0.08 -12.67
C PRO B 298 30.13 -1.50 -13.17
N SER B 299 30.48 -1.62 -14.46
CA SER B 299 30.65 -2.90 -15.16
C SER B 299 29.42 -3.80 -15.08
N TYR B 300 28.24 -3.18 -15.03
CA TYR B 300 26.96 -3.86 -15.01
C TYR B 300 26.53 -4.14 -16.45
N PRO B 301 25.90 -5.31 -16.71
CA PRO B 301 25.87 -5.86 -18.07
C PRO B 301 24.97 -5.08 -19.02
N ARG B 302 25.59 -4.30 -19.91
CA ARG B 302 24.92 -3.72 -21.05
C ARG B 302 24.79 -4.70 -22.22
N SER B 303 25.51 -5.81 -22.19
CA SER B 303 25.49 -6.79 -23.27
C SER B 303 24.30 -7.73 -23.05
N ALA B 304 23.11 -7.20 -23.33
CA ALA B 304 21.87 -7.95 -23.17
C ALA B 304 20.84 -7.42 -24.14
N CYS B 305 19.81 -8.23 -24.41
CA CYS B 305 18.77 -7.82 -25.33
C CYS B 305 17.88 -6.78 -24.65
N ILE B 306 17.68 -5.64 -25.32
CA ILE B 306 16.78 -4.62 -24.80
C ILE B 306 15.35 -5.10 -25.00
N ARG B 307 14.57 -5.13 -23.92
CA ARG B 307 13.15 -5.42 -24.04
C ARG B 307 12.45 -4.13 -24.45
N LYS B 308 12.01 -4.07 -25.71
CA LYS B 308 11.29 -2.87 -26.21
C LYS B 308 9.89 -2.87 -25.57
N GLY B 309 9.42 -4.04 -25.10
CA GLY B 309 8.14 -4.11 -24.40
C GLY B 309 8.30 -3.72 -22.94
N TRP B 310 7.21 -3.61 -22.20
CA TRP B 310 7.27 -3.23 -20.76
C TRP B 310 7.69 -1.76 -20.63
N VAL B 311 8.88 -1.41 -21.14
CA VAL B 311 9.39 0.00 -21.05
C VAL B 311 8.38 0.92 -21.75
N ALA B 312 7.84 0.49 -22.89
CA ALA B 312 6.81 1.29 -23.59
C ALA B 312 5.58 1.40 -22.67
N ARG B 313 5.17 0.27 -22.10
CA ARG B 313 4.03 0.30 -21.13
C ARG B 313 4.40 1.23 -19.98
N GLN B 314 5.65 1.15 -19.50
CA GLN B 314 6.09 2.02 -18.42
C GLN B 314 6.04 3.49 -18.81
N PHE B 315 6.32 3.81 -20.08
CA PHE B 315 6.20 5.18 -20.54
C PHE B 315 4.75 5.64 -20.57
N ALA B 316 3.84 4.74 -20.95
CA ALA B 316 2.41 5.07 -20.91
C ALA B 316 1.94 5.30 -19.49
N LYS B 317 2.39 4.46 -18.56
CA LYS B 317 2.12 4.67 -17.13
C LYS B 317 2.69 5.99 -16.65
N LEU B 318 3.86 6.35 -17.14
CA LEU B 318 4.53 7.59 -16.74
C LEU B 318 3.74 8.82 -17.19
N VAL B 319 3.30 8.85 -18.45
CA VAL B 319 2.59 10.04 -18.92
C VAL B 319 1.20 10.12 -18.27
N ILE B 320 0.54 8.97 -18.06
CA ILE B 320 -0.78 9.03 -17.44
C ILE B 320 -0.69 9.37 -15.95
N PHE B 321 0.41 9.00 -15.27
CA PHE B 321 0.53 9.37 -13.86
C PHE B 321 1.01 10.80 -13.70
N THR B 322 1.78 11.33 -14.66
CA THR B 322 2.08 12.76 -14.65
C THR B 322 0.82 13.60 -14.90
N GLY B 323 -0.04 13.14 -15.80
CA GLY B 323 -1.32 13.81 -15.99
C GLY B 323 -2.22 13.73 -14.76
N PHE B 324 -2.19 12.60 -14.07
CA PHE B 324 -2.95 12.47 -12.83
C PHE B 324 -2.39 13.36 -11.73
N MET B 325 -1.07 13.51 -11.68
CA MET B 325 -0.43 14.49 -10.80
C MET B 325 -0.91 15.89 -11.08
N GLY B 326 -0.96 16.27 -12.37
CA GLY B 326 -1.43 17.58 -12.74
C GLY B 326 -2.88 17.81 -12.38
N PHE B 327 -3.70 16.76 -12.47
CA PHE B 327 -5.11 16.88 -12.11
C PHE B 327 -5.27 17.08 -10.60
N ILE B 328 -4.53 16.32 -9.80
CA ILE B 328 -4.61 16.47 -8.34
C ILE B 328 -4.11 17.84 -7.92
N ILE B 329 -3.05 18.33 -8.56
CA ILE B 329 -2.53 19.67 -8.29
C ILE B 329 -3.55 20.74 -8.67
N GLU B 330 -4.19 20.59 -9.84
CA GLU B 330 -5.09 21.61 -10.34
C GLU B 330 -6.38 21.69 -9.52
N GLN B 331 -6.93 20.56 -9.12
CA GLN B 331 -8.25 20.56 -8.50
C GLN B 331 -8.24 20.11 -7.04
N TYR B 332 -7.09 20.04 -6.38
CA TYR B 332 -7.10 19.71 -4.96
C TYR B 332 -6.27 20.67 -4.12
N ILE B 333 -5.23 21.25 -4.71
CA ILE B 333 -4.34 22.16 -4.00
C ILE B 333 -4.57 23.61 -4.44
N ASN B 334 -4.75 23.82 -5.75
CA ASN B 334 -4.99 25.17 -6.27
C ASN B 334 -6.26 25.87 -5.74
N PRO B 335 -7.42 25.21 -5.54
CA PRO B 335 -8.51 25.93 -4.85
C PRO B 335 -8.20 26.32 -3.41
N ILE B 336 -7.29 25.61 -2.74
CA ILE B 336 -6.99 25.93 -1.34
C ILE B 336 -6.24 27.25 -1.24
N VAL B 337 -5.25 27.46 -2.08
CA VAL B 337 -4.53 28.73 -2.09
C VAL B 337 -5.38 29.77 -2.81
N ARG B 338 -5.02 31.04 -2.61
CA ARG B 338 -5.76 32.14 -3.22
C ARG B 338 -4.93 32.84 -4.29
N ILE B 352 -3.54 24.82 12.71
CA ILE B 352 -3.59 23.56 13.43
C ILE B 352 -3.95 22.43 12.48
N GLU B 353 -5.24 22.09 12.41
CA GLU B 353 -5.71 21.06 11.49
C GLU B 353 -5.88 21.58 10.07
N ARG B 354 -5.89 22.89 9.88
CA ARG B 354 -5.98 23.45 8.52
C ARG B 354 -4.70 23.19 7.74
N VAL B 355 -3.56 23.10 8.44
CA VAL B 355 -2.31 22.75 7.79
C VAL B 355 -2.36 21.32 7.26
N LEU B 356 -2.93 20.39 8.05
CA LEU B 356 -3.08 19.02 7.59
C LEU B 356 -4.13 18.90 6.50
N LYS B 357 -5.17 19.73 6.54
CA LYS B 357 -6.14 19.78 5.45
C LYS B 357 -5.52 20.33 4.17
N LEU B 358 -4.54 21.22 4.29
CA LEU B 358 -3.80 21.70 3.13
C LEU B 358 -2.80 20.67 2.64
N SER B 359 -2.23 19.87 3.54
CA SER B 359 -1.12 18.98 3.24
C SER B 359 -1.55 17.55 2.97
N VAL B 360 -2.84 17.21 3.07
CA VAL B 360 -3.31 15.90 2.65
C VAL B 360 -3.14 15.60 1.16
N PRO B 361 -3.44 16.48 0.18
CA PRO B 361 -3.25 16.06 -1.21
C PRO B 361 -1.80 16.07 -1.67
N ASN B 362 -0.93 16.88 -1.04
CA ASN B 362 0.45 16.93 -1.49
C ASN B 362 1.26 15.70 -1.08
N LEU B 363 0.83 14.98 -0.05
CA LEU B 363 1.45 13.70 0.25
C LEU B 363 1.17 12.70 -0.87
N TYR B 364 -0.05 12.71 -1.40
CA TYR B 364 -0.34 11.87 -2.56
C TYR B 364 0.39 12.36 -3.81
N VAL B 365 0.57 13.67 -3.93
CA VAL B 365 1.34 14.23 -5.03
C VAL B 365 2.80 13.76 -4.97
N TRP B 366 3.39 13.75 -3.78
CA TRP B 366 4.75 13.24 -3.63
C TRP B 366 4.83 11.73 -3.86
N LEU B 367 3.80 10.99 -3.44
CA LEU B 367 3.77 9.55 -3.70
C LEU B 367 3.72 9.27 -5.20
N CYS B 368 2.93 10.04 -5.93
CA CYS B 368 2.88 9.90 -7.38
C CYS B 368 4.17 10.38 -8.04
N MET B 369 4.85 11.38 -7.47
CA MET B 369 6.17 11.77 -7.96
C MET B 369 7.20 10.66 -7.79
N PHE B 370 7.19 9.99 -6.63
CA PHE B 370 8.12 8.87 -6.43
C PHE B 370 7.80 7.72 -7.35
N TYR B 371 6.52 7.44 -7.58
CA TYR B 371 6.18 6.39 -8.54
C TYR B 371 6.57 6.77 -9.95
N CYS B 372 6.50 8.06 -10.29
CA CYS B 372 6.86 8.50 -11.64
C CYS B 372 8.37 8.43 -11.86
N PHE B 373 9.17 8.90 -10.91
CA PHE B 373 10.59 9.02 -11.14
C PHE B 373 11.33 7.70 -10.90
N PHE B 374 11.21 7.16 -9.69
CA PHE B 374 12.11 6.08 -9.29
C PHE B 374 11.66 4.72 -9.80
N HIS B 375 10.36 4.47 -9.86
CA HIS B 375 9.93 3.19 -10.40
C HIS B 375 9.73 3.24 -11.91
N LEU B 376 9.18 4.33 -12.43
CA LEU B 376 8.86 4.35 -13.85
C LEU B 376 9.97 4.93 -14.71
N TRP B 377 10.35 6.19 -14.46
CA TRP B 377 11.35 6.87 -15.30
C TRP B 377 12.72 6.23 -15.17
N LEU B 378 13.12 5.84 -13.97
CA LEU B 378 14.47 5.32 -13.79
C LEU B 378 14.59 3.91 -14.36
N ASN B 379 13.49 3.15 -14.37
CA ASN B 379 13.51 1.86 -15.05
C ASN B 379 13.46 2.00 -16.57
N ILE B 380 12.76 3.01 -17.08
CA ILE B 380 12.78 3.31 -18.51
C ILE B 380 14.19 3.71 -18.96
N LEU B 381 14.85 4.55 -18.16
CA LEU B 381 16.23 4.96 -18.44
C LEU B 381 17.19 3.78 -18.35
N ALA B 382 16.99 2.90 -17.36
CA ALA B 382 17.83 1.72 -17.26
C ALA B 382 17.49 0.67 -18.31
N GLU B 383 16.36 0.79 -18.99
CA GLU B 383 16.01 -0.13 -20.08
C GLU B 383 16.48 0.35 -21.45
N LEU B 384 16.32 1.65 -21.77
CA LEU B 384 16.70 2.15 -23.10
C LEU B 384 18.19 2.01 -23.36
N LEU B 385 19.01 2.27 -22.35
CA LEU B 385 20.44 2.05 -22.45
C LEU B 385 20.83 0.65 -21.96
N CYS B 386 19.84 -0.19 -21.66
CA CYS B 386 19.92 -1.53 -21.09
C CYS B 386 20.96 -1.62 -19.97
N PHE B 387 20.73 -0.79 -18.96
CA PHE B 387 21.53 -0.84 -17.75
C PHE B 387 21.23 -2.09 -16.94
N GLY B 388 19.97 -2.47 -16.82
CA GLY B 388 19.60 -3.71 -16.16
C GLY B 388 18.38 -3.61 -15.27
N ASP B 389 17.86 -2.39 -15.09
CA ASP B 389 16.76 -2.06 -14.17
C ASP B 389 17.08 -2.53 -12.75
N ARG B 390 18.12 -1.95 -12.17
CA ARG B 390 18.68 -2.44 -10.92
C ARG B 390 17.87 -1.89 -9.74
N GLU B 391 18.34 -2.16 -8.52
CA GLU B 391 17.70 -1.67 -7.31
C GLU B 391 17.97 -0.18 -7.18
N PHE B 392 16.93 0.62 -7.40
CA PHE B 392 17.06 2.07 -7.38
C PHE B 392 16.46 2.68 -6.13
N TYR B 393 15.79 1.86 -5.30
CA TYR B 393 15.30 2.18 -3.97
C TYR B 393 14.92 0.87 -3.32
N LYS B 394 14.76 0.91 -2.01
CA LYS B 394 14.17 -0.20 -1.28
C LYS B 394 12.89 0.31 -0.62
N ASP B 395 12.33 -0.51 0.26
CA ASP B 395 11.00 -0.27 0.83
C ASP B 395 11.07 0.88 1.85
N TRP B 396 11.05 2.11 1.32
CA TRP B 396 11.01 3.30 2.17
C TRP B 396 9.64 3.57 2.76
N TRP B 397 8.58 3.00 2.18
CA TRP B 397 7.24 3.30 2.65
C TRP B 397 6.99 2.71 4.02
N ASN B 398 7.62 1.59 4.33
CA ASN B 398 7.67 1.09 5.70
C ASN B 398 8.99 1.47 6.36
N ALA B 399 9.23 2.77 6.46
CA ALA B 399 10.40 3.29 7.16
C ALA B 399 10.13 3.27 8.66
N LYS B 400 11.00 2.58 9.41
CA LYS B 400 10.89 2.61 10.86
C LYS B 400 11.25 3.99 11.41
N SER B 401 12.17 4.69 10.75
CA SER B 401 12.54 6.04 11.10
C SER B 401 12.80 6.82 9.81
N VAL B 402 12.89 8.14 9.94
CA VAL B 402 13.31 8.93 8.79
C VAL B 402 14.79 8.70 8.49
N GLY B 403 15.59 8.41 9.51
CA GLY B 403 16.96 7.99 9.27
C GLY B 403 17.06 6.67 8.55
N ASP B 404 16.05 5.81 8.69
CA ASP B 404 15.94 4.64 7.84
C ASP B 404 15.34 4.97 6.47
N TYR B 405 14.49 6.00 6.39
CA TYR B 405 13.92 6.43 5.11
C TYR B 405 14.99 6.96 4.18
N TRP B 406 15.98 7.66 4.71
CA TRP B 406 16.98 8.30 3.85
C TRP B 406 17.97 7.31 3.25
N ARG B 407 18.06 6.08 3.75
CA ARG B 407 19.00 5.10 3.24
C ARG B 407 18.39 4.12 2.25
N MET B 408 17.08 4.20 2.00
CA MET B 408 16.45 3.32 1.03
C MET B 408 15.49 4.03 0.10
N TRP B 409 15.31 5.34 0.24
CA TRP B 409 14.52 6.06 -0.75
C TRP B 409 15.29 6.24 -2.05
N ASN B 410 16.62 6.21 -2.00
CA ASN B 410 17.46 6.53 -3.14
C ASN B 410 18.70 5.64 -3.06
N MET B 411 18.65 4.51 -3.74
CA MET B 411 19.85 3.67 -3.82
C MET B 411 20.95 4.23 -4.71
N PRO B 412 20.67 5.02 -5.78
CA PRO B 412 21.77 5.81 -6.35
C PRO B 412 22.43 6.79 -5.40
N VAL B 413 21.66 7.58 -4.64
CA VAL B 413 22.26 8.58 -3.76
C VAL B 413 22.93 7.90 -2.56
N HIS B 414 22.38 6.78 -2.09
CA HIS B 414 22.98 6.09 -0.93
C HIS B 414 24.36 5.54 -1.26
N LYS B 415 24.54 5.01 -2.47
CA LYS B 415 25.89 4.60 -2.88
C LYS B 415 26.79 5.79 -3.17
N TRP B 416 26.21 6.96 -3.45
CA TRP B 416 26.99 8.20 -3.45
C TRP B 416 27.31 8.65 -2.03
N MET B 417 26.55 8.21 -1.04
CA MET B 417 26.84 8.50 0.35
C MET B 417 27.80 7.50 0.98
N VAL B 418 27.89 6.28 0.46
CA VAL B 418 28.74 5.26 1.07
C VAL B 418 30.21 5.59 0.87
N ARG B 419 30.57 6.11 -0.31
CA ARG B 419 31.92 6.63 -0.51
C ARG B 419 32.19 7.87 0.35
N HIS B 420 31.14 8.61 0.69
CA HIS B 420 31.20 9.78 1.54
C HIS B 420 31.26 9.44 3.02
N ILE B 421 30.92 8.20 3.40
CA ILE B 421 30.89 7.76 4.80
C ILE B 421 31.95 6.70 5.07
N TYR B 422 31.96 5.64 4.28
CA TYR B 422 32.78 4.46 4.55
C TYR B 422 34.19 4.69 4.00
N PHE B 423 34.98 3.59 3.85
CA PHE B 423 36.42 3.48 3.64
C PHE B 423 37.10 4.50 2.72
N PRO B 424 36.50 4.97 1.61
CA PRO B 424 37.07 6.16 0.96
C PRO B 424 37.09 7.40 1.82
N CYS B 425 36.09 7.59 2.69
CA CYS B 425 36.05 8.77 3.56
C CYS B 425 36.02 8.40 5.05
N LEU B 426 36.53 7.23 5.42
CA LEU B 426 36.64 6.85 6.82
C LEU B 426 37.93 7.34 7.46
N ARG B 427 38.74 8.11 6.73
CA ARG B 427 40.01 8.60 7.26
C ARG B 427 39.84 9.71 8.29
N SER B 428 38.65 10.32 8.38
CA SER B 428 38.42 11.39 9.33
C SER B 428 37.85 10.91 10.67
N LYS B 429 37.09 9.81 10.65
CA LYS B 429 36.60 9.11 11.83
C LYS B 429 35.72 10.00 12.72
N ILE B 430 34.61 10.47 12.15
CA ILE B 430 33.63 11.22 12.92
C ILE B 430 32.24 10.64 12.65
N PRO B 431 31.46 10.32 13.70
CA PRO B 431 30.17 9.65 13.47
C PRO B 431 29.04 10.59 13.06
N LYS B 432 28.99 11.78 13.65
CA LYS B 432 27.78 12.60 13.54
C LYS B 432 27.79 13.51 12.32
N THR B 433 28.85 14.30 12.14
CA THR B 433 28.89 15.24 11.02
C THR B 433 29.02 14.53 9.69
N LEU B 434 29.76 13.43 9.63
CA LEU B 434 29.99 12.70 8.39
C LEU B 434 28.77 11.94 7.89
N ALA B 435 27.70 11.85 8.68
CA ALA B 435 26.53 11.09 8.27
C ALA B 435 25.25 11.89 8.37
N ILE B 436 25.19 12.82 9.33
CA ILE B 436 23.93 13.50 9.64
C ILE B 436 23.94 14.98 9.25
N ILE B 437 25.09 15.66 9.31
CA ILE B 437 25.08 17.09 9.00
C ILE B 437 25.58 17.37 7.59
N ILE B 438 26.84 17.05 7.30
CA ILE B 438 27.43 17.42 6.01
C ILE B 438 27.11 16.43 4.91
N ALA B 439 26.67 15.22 5.25
CA ALA B 439 26.10 14.34 4.24
C ALA B 439 24.65 14.69 3.95
N PHE B 440 24.04 15.51 4.81
CA PHE B 440 22.71 16.03 4.56
C PHE B 440 22.71 17.50 4.18
N LEU B 441 23.82 18.21 4.40
CA LEU B 441 23.95 19.57 3.84
C LEU B 441 23.99 19.52 2.32
N VAL B 442 24.56 18.45 1.77
CA VAL B 442 24.52 18.20 0.34
C VAL B 442 23.08 18.08 -0.14
N SER B 443 22.29 17.25 0.53
CA SER B 443 20.90 17.05 0.13
C SER B 443 20.06 18.31 0.35
N ALA B 444 20.37 19.09 1.39
CA ALA B 444 19.64 20.33 1.62
C ALA B 444 19.97 21.38 0.56
N VAL B 445 21.25 21.49 0.17
CA VAL B 445 21.65 22.44 -0.87
C VAL B 445 21.01 22.06 -2.20
N PHE B 446 21.04 20.77 -2.54
CA PHE B 446 20.45 20.35 -3.80
C PHE B 446 18.95 20.05 -3.69
N HIS B 447 18.31 20.34 -2.55
CA HIS B 447 16.86 20.54 -2.50
C HIS B 447 16.49 22.02 -2.66
N GLU B 448 17.24 22.90 -2.00
CA GLU B 448 16.99 24.34 -2.08
C GLU B 448 17.26 24.87 -3.49
N LEU B 449 18.23 24.30 -4.19
CA LEU B 449 18.46 24.69 -5.58
C LEU B 449 17.35 24.17 -6.48
N CYS B 450 16.71 23.07 -6.12
CA CYS B 450 15.68 22.48 -6.97
C CYS B 450 14.31 23.11 -6.76
N ILE B 451 14.02 23.63 -5.57
CA ILE B 451 12.65 24.11 -5.32
C ILE B 451 12.57 25.62 -5.27
N ALA B 452 13.64 26.29 -4.82
CA ALA B 452 13.54 27.73 -4.59
C ALA B 452 13.99 28.57 -5.77
N VAL B 453 15.07 28.15 -6.45
CA VAL B 453 15.48 28.83 -7.67
C VAL B 453 14.42 28.86 -8.77
N PRO B 454 13.67 27.77 -9.06
CA PRO B 454 12.59 27.91 -10.07
C PRO B 454 11.46 28.82 -9.65
N CYS B 455 11.19 28.97 -8.35
CA CYS B 455 10.15 29.89 -7.89
C CYS B 455 10.63 31.33 -7.85
N ARG B 456 11.93 31.57 -8.04
CA ARG B 456 12.55 32.90 -8.11
C ARG B 456 12.34 33.72 -6.83
N LEU B 457 12.28 33.06 -5.68
CA LEU B 457 12.38 33.75 -4.41
C LEU B 457 13.19 32.88 -3.46
N PHE B 458 14.07 33.52 -2.70
CA PHE B 458 15.00 32.83 -1.81
C PHE B 458 14.59 33.09 -0.38
N LYS B 459 13.68 32.26 0.13
CA LYS B 459 13.29 32.30 1.54
C LYS B 459 13.94 31.18 2.33
N LEU B 460 14.78 30.35 1.68
CA LEU B 460 15.59 29.30 2.30
C LEU B 460 14.75 28.24 2.99
N TRP B 461 13.51 28.05 2.53
CA TRP B 461 12.57 27.17 3.23
C TRP B 461 12.86 25.70 2.98
N ALA B 462 13.28 25.32 1.77
CA ALA B 462 13.61 23.93 1.51
C ALA B 462 14.91 23.53 2.18
N PHE B 463 15.89 24.44 2.21
CA PHE B 463 17.15 24.22 2.90
C PHE B 463 16.93 24.04 4.40
N LEU B 464 16.18 24.96 5.02
CA LEU B 464 15.91 24.81 6.45
C LEU B 464 14.94 23.67 6.72
N GLY B 465 14.11 23.30 5.75
CA GLY B 465 13.25 22.14 5.92
C GLY B 465 14.03 20.85 6.00
N ILE B 466 15.01 20.67 5.11
CA ILE B 466 15.86 19.49 5.19
C ILE B 466 16.77 19.56 6.43
N MET B 467 17.25 20.76 6.78
CA MET B 467 18.14 20.88 7.92
C MET B 467 17.42 20.73 9.26
N PHE B 468 16.13 21.04 9.34
CA PHE B 468 15.30 20.73 10.49
C PHE B 468 14.76 19.31 10.42
N GLN B 469 14.78 18.72 9.23
CA GLN B 469 14.45 17.32 9.04
C GLN B 469 15.62 16.44 9.45
N VAL B 470 16.79 17.05 9.62
CA VAL B 470 17.96 16.33 10.13
C VAL B 470 17.84 15.90 11.59
N PRO B 471 17.43 16.77 12.57
CA PRO B 471 17.24 16.25 13.93
C PRO B 471 16.09 15.27 14.10
N LEU B 472 15.20 15.18 13.11
CA LEU B 472 14.18 14.15 13.11
C LEU B 472 14.77 12.75 13.06
N VAL B 473 15.96 12.58 12.48
CA VAL B 473 16.65 11.29 12.50
C VAL B 473 16.97 10.88 13.94
N PHE B 474 17.53 11.82 14.71
CA PHE B 474 17.90 11.54 16.09
C PHE B 474 16.68 11.36 16.99
N ILE B 475 15.59 12.09 16.72
CA ILE B 475 14.37 11.90 17.50
C ILE B 475 13.73 10.56 17.16
N THR B 476 13.61 10.23 15.87
CA THR B 476 12.85 9.05 15.45
C THR B 476 13.59 7.75 15.65
N ASN B 477 14.92 7.74 15.67
CA ASN B 477 15.60 6.49 16.00
C ASN B 477 15.34 6.09 17.45
N TYR B 478 15.40 7.04 18.37
CA TYR B 478 15.07 6.75 19.76
C TYR B 478 13.59 6.50 19.94
N LEU B 479 12.73 7.18 19.18
CA LEU B 479 11.30 6.93 19.31
C LEU B 479 10.88 5.61 18.69
N GLN B 480 11.66 5.11 17.71
CA GLN B 480 11.43 3.77 17.20
C GLN B 480 11.98 2.70 18.14
N GLU B 481 13.08 3.00 18.84
CA GLU B 481 13.53 2.09 19.88
C GLU B 481 12.56 2.06 21.07
N ARG B 482 11.91 3.20 21.34
CA ARG B 482 10.98 3.30 22.47
C ARG B 482 9.62 2.67 22.13
N PHE B 483 8.94 3.21 21.13
CA PHE B 483 7.64 2.72 20.70
C PHE B 483 7.82 1.58 19.70
N GLY B 484 6.73 1.20 19.02
CA GLY B 484 6.77 0.09 18.10
C GLY B 484 7.13 0.49 16.68
N SER B 485 7.24 -0.53 15.82
CA SER B 485 7.45 -0.30 14.40
C SER B 485 6.18 0.19 13.72
N THR B 486 5.01 -0.03 14.32
CA THR B 486 3.80 0.56 13.80
C THR B 486 3.74 2.05 14.09
N VAL B 487 3.92 2.42 15.36
CA VAL B 487 3.86 3.83 15.78
C VAL B 487 5.02 4.63 15.18
N GLY B 488 6.18 4.00 15.01
CA GLY B 488 7.28 4.67 14.33
C GLY B 488 6.99 5.00 12.88
N ASN B 489 6.27 4.10 12.19
CA ASN B 489 5.90 4.39 10.81
C ASN B 489 4.79 5.43 10.73
N MET B 490 3.84 5.42 11.67
CA MET B 490 2.81 6.45 11.71
C MET B 490 3.42 7.82 11.99
N ILE B 491 4.39 7.88 12.89
CA ILE B 491 5.01 9.17 13.18
C ILE B 491 5.95 9.58 12.05
N PHE B 492 6.51 8.62 11.30
CA PHE B 492 7.24 8.97 10.08
C PHE B 492 6.31 9.57 9.04
N TRP B 493 5.12 8.99 8.86
CA TRP B 493 4.21 9.50 7.85
C TRP B 493 3.66 10.86 8.23
N PHE B 494 3.39 11.10 9.51
CA PHE B 494 2.93 12.42 9.94
C PHE B 494 4.04 13.46 9.85
N ILE B 495 5.27 13.10 10.27
CA ILE B 495 6.37 14.04 10.24
C ILE B 495 6.90 14.22 8.82
N PHE B 496 6.54 13.34 7.89
CA PHE B 496 6.85 13.49 6.49
C PHE B 496 5.78 14.26 5.77
N CYS B 497 4.54 14.20 6.26
CA CYS B 497 3.45 14.98 5.68
C CYS B 497 3.56 16.45 6.06
N ILE B 498 3.49 16.76 7.36
CA ILE B 498 3.24 18.14 7.72
C ILE B 498 4.53 18.98 7.70
N PHE B 499 5.68 18.42 8.08
CA PHE B 499 6.94 19.17 8.06
C PHE B 499 7.99 18.31 7.35
N GLY B 500 7.99 18.35 6.03
CA GLY B 500 8.84 17.46 5.28
C GLY B 500 8.88 17.85 3.82
N GLN B 501 9.30 16.88 3.00
CA GLN B 501 9.48 17.12 1.57
C GLN B 501 8.21 17.52 0.79
N PRO B 502 7.01 16.96 1.03
CA PRO B 502 5.82 17.54 0.37
C PRO B 502 5.49 18.96 0.80
N MET B 503 5.63 19.29 2.08
CA MET B 503 5.34 20.65 2.51
C MET B 503 6.45 21.59 2.05
N CYS B 504 7.66 21.05 1.83
CA CYS B 504 8.77 21.82 1.29
C CYS B 504 8.55 22.28 -0.15
N VAL B 505 7.60 21.70 -0.88
CA VAL B 505 7.16 22.28 -2.13
C VAL B 505 5.79 22.95 -2.01
N LEU B 506 5.00 22.64 -0.96
CA LEU B 506 3.76 23.36 -0.70
C LEU B 506 4.00 24.84 -0.39
N LEU B 507 5.02 25.15 0.42
CA LEU B 507 5.28 26.57 0.74
C LEU B 507 5.69 27.35 -0.51
N TYR B 508 6.51 26.74 -1.36
CA TYR B 508 6.94 27.44 -2.57
C TYR B 508 5.83 27.52 -3.61
N TYR B 509 4.93 26.54 -3.64
CA TYR B 509 3.78 26.64 -4.53
C TYR B 509 2.78 27.71 -4.07
N HIS B 510 2.59 27.83 -2.75
CA HIS B 510 1.76 28.92 -2.23
C HIS B 510 2.39 30.28 -2.50
N ASP B 511 3.71 30.39 -2.38
CA ASP B 511 4.36 31.66 -2.68
C ASP B 511 4.44 31.94 -4.18
N LEU B 512 4.34 30.90 -5.02
CA LEU B 512 4.34 31.12 -6.46
C LEU B 512 2.96 31.53 -6.96
N MET B 513 1.90 30.85 -6.49
CA MET B 513 0.55 31.14 -6.94
C MET B 513 -0.16 32.21 -6.09
N ASN B 514 0.59 33.07 -5.40
CA ASN B 514 0.01 34.18 -4.67
C ASN B 514 1.12 35.23 -4.57
#